data_6TE5
#
_entry.id   6TE5
#
_cell.length_a   81.184
_cell.length_b   89.338
_cell.length_c   159.208
_cell.angle_alpha   90.000
_cell.angle_beta   90.000
_cell.angle_gamma   90.000
#
_symmetry.space_group_name_H-M   'P 21 2 21'
#
loop_
_entity.id
_entity.type
_entity.pdbx_description
1 polymer 'Aldehyde dehydrogenase family 1 member A3'
2 non-polymer NICOTINAMIDE-ADENINE-DINUCLEOTIDE
3 non-polymer 6-(3,5-dimethoxyphenyl)-2-(4-methoxyphenyl)imidazo[1,2-a]pyridine
4 non-polymer GLYCEROL
5 water water
#
_entity_poly.entity_id   1
_entity_poly.type   'polypeptide(L)'
_entity_poly.pdbx_seq_one_letter_code
;MATANGAVENGQPDRKPPALPRPIRNLEVKFTKIFINNEWHESKSGKKFATCNPSTREQICEVEEGDKPDVDKAVEAAQV
AFQRGSPWRRLDALSRGRLLHQLADLVERDRATLAALETMDTGKPFLHAFFIDLEGCIRTLRYFAGWADKIQGKTIPTDD
NVVCFTRHEPIGVCGAITPWNFPLLMLVWKLAPALCCGNTMVLKPAEQTPLTALYLGSLIKEAGFPPGVVNIVPGFGPTV
GAAISSHPQINKIAFTGSTEVGKLVKEAASRSNLKRVTLELGGKNPCIVCADADLDLAVECAHQGVFFNQGQCCTAASRV
FVEEQVYSEFVRRSVEYAKKRPVGDPFDVKTEQGPQIDQKQFDKILELIESGKKEGAKLECGGSAMEDKGLFIKPTVFSE
VTDNMRIAKEEIFGPVQPILKFKSIEEVIKRANSTDYGLTAAVFTKNLDKALKLASALESGTVWINCYNALYAQAPFGGF
KMSGNGRELGEYALAEYTEVKTVTIKLGDKNP
;
_entity_poly.pdbx_strand_id   A,B
#
# COMPACT_ATOMS: atom_id res chain seq x y z
N ILE A 24 8.66 -37.28 17.54
CA ILE A 24 7.58 -37.83 18.35
C ILE A 24 6.51 -38.36 17.39
N ARG A 25 5.84 -39.45 17.78
CA ARG A 25 5.07 -40.28 16.84
C ARG A 25 3.56 -40.20 17.10
N ASN A 26 3.04 -40.85 18.15
CA ASN A 26 1.61 -40.79 18.40
C ASN A 26 1.26 -39.62 19.34
N LEU A 27 1.63 -38.42 18.88
CA LEU A 27 1.35 -37.18 19.62
C LEU A 27 -0.07 -36.70 19.36
N GLU A 28 -0.81 -36.45 20.43
CA GLU A 28 -2.19 -36.04 20.31
C GLU A 28 -2.30 -34.52 20.20
N VAL A 29 -3.29 -34.08 19.41
CA VAL A 29 -3.53 -32.66 19.17
C VAL A 29 -4.27 -32.08 20.37
N LYS A 30 -3.63 -31.13 21.05
CA LYS A 30 -4.27 -30.52 22.21
C LYS A 30 -5.07 -29.26 21.88
N PHE A 31 -4.74 -28.66 20.75
CA PHE A 31 -5.35 -27.35 20.46
C PHE A 31 -6.15 -27.28 19.18
N THR A 32 -7.47 -27.15 19.33
CA THR A 32 -8.36 -27.10 18.15
C THR A 32 -9.43 -26.01 18.28
N LYS A 33 -9.47 -25.25 19.37
CA LYS A 33 -10.54 -24.24 19.52
C LYS A 33 -10.11 -22.86 19.03
N ILE A 34 -11.00 -21.87 19.11
CA ILE A 34 -10.79 -20.45 18.70
C ILE A 34 -10.14 -19.72 19.87
N PHE A 35 -9.19 -18.82 19.62
CA PHE A 35 -8.41 -18.11 20.65
C PHE A 35 -8.78 -16.63 20.64
N ILE A 36 -9.62 -16.21 21.59
CA ILE A 36 -10.03 -14.82 21.72
C ILE A 36 -9.79 -14.35 23.15
N ASN A 37 -9.14 -13.20 23.29
CA ASN A 37 -8.76 -12.64 24.60
C ASN A 37 -8.02 -13.67 25.47
N ASN A 38 -7.28 -14.59 24.83
CA ASN A 38 -6.49 -15.62 25.52
C ASN A 38 -7.39 -16.62 26.24
N GLU A 39 -8.53 -16.92 25.64
CA GLU A 39 -9.48 -17.89 26.14
C GLU A 39 -9.82 -18.78 24.96
N TRP A 40 -10.02 -20.05 25.19
CA TRP A 40 -10.47 -20.83 24.05
C TRP A 40 -12.00 -20.82 23.98
N HIS A 41 -12.53 -21.14 22.80
CA HIS A 41 -13.96 -20.92 22.53
C HIS A 41 -14.47 -21.93 21.53
N GLU A 42 -15.79 -22.10 21.53
CA GLU A 42 -16.42 -22.87 20.47
C GLU A 42 -16.97 -21.92 19.43
N SER A 43 -17.27 -22.47 18.26
CA SER A 43 -17.97 -21.72 17.22
C SER A 43 -19.23 -21.09 17.80
N LYS A 44 -19.39 -19.79 17.60
CA LYS A 44 -20.70 -19.21 17.89
C LYS A 44 -21.78 -20.01 17.21
N SER A 45 -21.43 -20.71 16.13
CA SER A 45 -22.35 -21.58 15.42
C SER A 45 -22.43 -22.98 15.99
N GLY A 46 -21.32 -23.54 16.46
CA GLY A 46 -21.25 -24.91 16.87
C GLY A 46 -20.62 -25.84 15.85
N LYS A 47 -20.73 -25.52 14.56
CA LYS A 47 -20.12 -26.34 13.53
C LYS A 47 -18.65 -26.64 13.85
N LYS A 48 -18.11 -27.71 13.26
CA LYS A 48 -16.68 -27.96 13.27
C LYS A 48 -16.29 -28.43 11.87
N PHE A 49 -14.99 -28.68 11.67
CA PHE A 49 -14.47 -29.14 10.39
C PHE A 49 -13.16 -29.89 10.65
N ALA A 50 -12.86 -30.85 9.78
CA ALA A 50 -11.68 -31.67 9.99
C ALA A 50 -10.46 -31.15 9.23
N THR A 51 -9.28 -31.45 9.77
CA THR A 51 -8.02 -31.33 9.03
C THR A 51 -7.40 -32.70 8.87
N CYS A 52 -6.88 -32.97 7.68
CA CYS A 52 -6.38 -34.28 7.40
C CYS A 52 -4.86 -34.25 7.33
N ASN A 53 -4.29 -35.44 7.56
CA ASN A 53 -2.87 -35.71 7.38
C ASN A 53 -2.67 -36.16 5.94
N PRO A 54 -1.99 -35.39 5.11
CA PRO A 54 -1.92 -35.75 3.68
C PRO A 54 -1.10 -36.98 3.43
N SER A 55 -0.13 -37.26 4.32
CA SER A 55 0.74 -38.45 4.19
C SER A 55 -0.01 -39.77 4.38
N THR A 56 -0.66 -39.93 5.53
CA THR A 56 -1.59 -41.06 5.63
C THR A 56 -2.81 -40.28 5.17
N ARG A 57 -3.70 -40.79 4.32
CA ARG A 57 -4.84 -39.91 3.98
C ARG A 57 -5.98 -40.10 4.98
N GLU A 58 -5.77 -39.77 6.24
CA GLU A 58 -6.76 -39.99 7.32
C GLU A 58 -6.88 -38.69 8.12
N GLN A 59 -7.96 -38.54 8.88
CA GLN A 59 -8.29 -37.28 9.60
C GLN A 59 -7.56 -37.11 10.93
N ILE A 60 -6.82 -36.01 11.10
CA ILE A 60 -6.13 -35.73 12.38
C ILE A 60 -7.20 -35.56 13.45
N CYS A 61 -7.97 -34.48 13.35
CA CYS A 61 -9.08 -34.19 14.28
C CYS A 61 -9.91 -33.04 13.72
N GLU A 62 -10.95 -32.67 14.44
CA GLU A 62 -11.82 -31.55 14.09
C GLU A 62 -11.59 -30.27 14.88
N VAL A 63 -11.49 -29.14 14.16
CA VAL A 63 -11.34 -27.81 14.75
C VAL A 63 -12.65 -27.05 14.58
N GLU A 64 -12.89 -26.08 15.48
CA GLU A 64 -14.04 -25.21 15.34
C GLU A 64 -14.01 -24.47 14.01
N GLU A 65 -15.18 -24.38 13.34
CA GLU A 65 -15.35 -23.62 12.10
C GLU A 65 -15.97 -22.26 12.41
N GLY A 66 -15.18 -21.20 12.33
CA GLY A 66 -15.68 -19.87 12.60
C GLY A 66 -16.36 -19.21 11.40
N ASP A 67 -17.06 -18.12 11.70
CA ASP A 67 -17.84 -17.36 10.74
C ASP A 67 -17.88 -15.91 11.21
N LYS A 68 -18.55 -15.04 10.46
CA LYS A 68 -18.54 -13.62 10.81
C LYS A 68 -18.82 -13.37 12.28
N PRO A 69 -19.85 -13.96 12.90
CA PRO A 69 -20.06 -13.72 14.33
C PRO A 69 -18.88 -14.10 15.20
N ASP A 70 -18.09 -15.09 14.79
CA ASP A 70 -16.84 -15.35 15.48
C ASP A 70 -15.84 -14.24 15.23
N VAL A 71 -15.67 -13.88 13.95
CA VAL A 71 -14.72 -12.83 13.62
C VAL A 71 -15.10 -11.54 14.34
N ASP A 72 -16.40 -11.19 14.33
CA ASP A 72 -16.82 -9.99 15.04
C ASP A 72 -16.43 -10.07 16.51
N LYS A 73 -16.53 -11.24 17.13
CA LYS A 73 -16.11 -11.36 18.52
C LYS A 73 -14.63 -11.00 18.67
N ALA A 74 -13.79 -11.61 17.83
CA ALA A 74 -12.35 -11.42 17.98
C ALA A 74 -11.96 -9.99 17.68
N VAL A 75 -12.57 -9.37 16.66
CA VAL A 75 -12.20 -8.01 16.32
C VAL A 75 -12.52 -7.07 17.47
N GLU A 76 -13.73 -7.17 18.02
CA GLU A 76 -14.04 -6.34 19.19
C GLU A 76 -13.04 -6.61 20.32
N ALA A 77 -12.56 -7.85 20.44
CA ALA A 77 -11.52 -8.12 21.43
C ALA A 77 -10.25 -7.36 21.10
N ALA A 78 -9.75 -7.55 19.89
CA ALA A 78 -8.55 -6.86 19.47
C ALA A 78 -8.73 -5.35 19.51
N GLN A 79 -9.90 -4.87 19.10
CA GLN A 79 -10.15 -3.43 19.12
C GLN A 79 -9.92 -2.86 20.50
N VAL A 80 -10.16 -3.66 21.51
CA VAL A 80 -10.09 -3.15 22.87
C VAL A 80 -8.70 -3.32 23.46
N ALA A 81 -8.00 -4.39 23.09
CA ALA A 81 -6.63 -4.52 23.54
C ALA A 81 -5.75 -3.47 22.92
N PHE A 82 -6.16 -2.87 21.82
CA PHE A 82 -5.43 -1.74 21.22
C PHE A 82 -5.95 -0.39 21.68
N GLN A 83 -7.10 -0.35 22.33
CA GLN A 83 -7.68 0.88 22.84
C GLN A 83 -6.66 1.62 23.67
N ARG A 84 -6.80 2.94 23.72
CA ARG A 84 -5.82 3.79 24.39
C ARG A 84 -5.72 3.45 25.86
N GLY A 85 -4.49 3.28 26.35
CA GLY A 85 -4.29 2.93 27.75
C GLY A 85 -4.45 1.47 28.10
N SER A 86 -4.69 0.60 27.12
CA SER A 86 -4.74 -0.84 27.37
C SER A 86 -3.45 -1.22 28.06
N PRO A 87 -3.40 -2.31 28.85
CA PRO A 87 -2.12 -2.82 29.35
C PRO A 87 -1.10 -2.82 28.22
N TRP A 88 -1.59 -3.18 27.03
CA TRP A 88 -0.77 -3.30 25.83
C TRP A 88 -0.28 -1.93 25.32
N ARG A 89 -1.16 -0.93 25.30
CA ARG A 89 -0.76 0.35 24.72
C ARG A 89 0.11 1.17 25.68
N ARG A 90 -0.25 1.21 26.97
CA ARG A 90 0.59 1.83 27.98
C ARG A 90 1.90 1.09 28.16
N LEU A 91 2.02 -0.11 27.59
CA LEU A 91 3.25 -0.88 27.75
C LEU A 91 4.44 -0.12 27.21
N ASP A 92 5.58 -0.36 27.83
CA ASP A 92 6.85 0.19 27.38
C ASP A 92 7.27 -0.42 26.06
N ALA A 93 8.09 0.33 25.31
CA ALA A 93 8.42 -0.10 23.96
C ALA A 93 9.39 -1.28 23.96
N LEU A 94 10.37 -1.26 24.86
CA LEU A 94 11.31 -2.37 24.92
C LEU A 94 10.66 -3.61 25.50
N SER A 95 9.69 -3.41 26.40
CA SER A 95 8.97 -4.55 26.97
C SER A 95 8.23 -5.32 25.88
N ARG A 96 7.59 -4.61 24.95
CA ARG A 96 7.06 -5.22 23.74
C ARG A 96 8.10 -6.07 23.05
N GLY A 97 9.29 -5.51 22.86
CA GLY A 97 10.40 -6.31 22.34
C GLY A 97 10.66 -7.54 23.18
N ARG A 98 10.68 -7.37 24.51
CA ARG A 98 10.96 -8.50 25.40
C ARG A 98 9.94 -9.62 25.22
N LEU A 99 8.64 -9.27 25.15
CA LEU A 99 7.60 -10.29 24.94
C LEU A 99 7.84 -11.07 23.66
N LEU A 100 8.14 -10.38 22.56
CA LEU A 100 8.44 -11.08 21.31
C LEU A 100 9.63 -12.00 21.46
N HIS A 101 10.70 -11.54 22.12
CA HIS A 101 11.82 -12.40 22.46
C HIS A 101 11.37 -13.54 23.35
N GLN A 102 10.39 -13.27 24.20
CA GLN A 102 9.86 -14.29 25.09
C GLN A 102 9.12 -15.37 24.33
N LEU A 103 8.23 -14.95 23.41
CA LEU A 103 7.48 -15.90 22.59
C LEU A 103 8.42 -16.74 21.74
N ALA A 104 9.55 -16.17 21.30
CA ALA A 104 10.46 -16.94 20.48
C ALA A 104 11.18 -17.99 21.29
N ASP A 105 11.45 -17.68 22.56
CA ASP A 105 11.97 -18.72 23.45
C ASP A 105 11.05 -19.94 23.46
N LEU A 106 9.76 -19.71 23.75
CA LEU A 106 8.80 -20.81 23.85
C LEU A 106 8.80 -21.67 22.60
N VAL A 107 8.82 -21.02 21.43
CA VAL A 107 8.87 -21.75 20.16
C VAL A 107 10.03 -22.72 20.16
N GLU A 108 11.23 -22.24 20.48
CA GLU A 108 12.39 -23.12 20.53
C GLU A 108 12.15 -24.29 21.47
N ARG A 109 11.55 -24.04 22.61
CA ARG A 109 11.30 -25.14 23.57
C ARG A 109 10.39 -26.16 22.92
N ASP A 110 9.19 -25.72 22.56
CA ASP A 110 8.15 -26.58 21.96
C ASP A 110 8.36 -26.67 20.45
N ARG A 111 9.62 -26.68 20.01
CA ARG A 111 9.93 -26.73 18.59
C ARG A 111 9.56 -28.08 17.97
N ALA A 112 9.83 -29.19 18.66
CA ALA A 112 9.56 -30.48 18.03
C ALA A 112 8.09 -30.84 18.09
N THR A 113 7.35 -30.32 19.07
CA THR A 113 5.88 -30.39 19.01
C THR A 113 5.38 -29.74 17.73
N LEU A 114 5.78 -28.49 17.50
CA LEU A 114 5.24 -27.72 16.39
C LEU A 114 5.64 -28.33 15.06
N ALA A 115 6.91 -28.66 14.90
CA ALA A 115 7.37 -29.22 13.63
C ALA A 115 6.62 -30.50 13.30
N ALA A 116 6.36 -31.34 14.31
CA ALA A 116 5.54 -32.53 14.11
C ALA A 116 4.17 -32.13 13.60
N LEU A 117 3.45 -31.31 14.38
CA LEU A 117 2.18 -30.75 13.95
C LEU A 117 2.23 -30.21 12.54
N GLU A 118 3.31 -29.53 12.19
CA GLU A 118 3.35 -28.97 10.85
C GLU A 118 3.47 -30.07 9.80
N THR A 119 4.24 -31.14 10.07
CA THR A 119 4.34 -32.24 9.12
C THR A 119 3.05 -33.03 9.03
N MET A 120 2.46 -33.35 10.19
CA MET A 120 1.13 -33.95 10.23
C MET A 120 0.18 -33.24 9.28
N ASP A 121 0.14 -31.92 9.32
CA ASP A 121 -0.90 -31.20 8.62
C ASP A 121 -0.63 -31.01 7.14
N THR A 122 0.64 -31.08 6.74
CA THR A 122 1.08 -30.66 5.42
C THR A 122 1.91 -31.71 4.69
N GLY A 123 2.39 -32.74 5.37
CA GLY A 123 3.27 -33.68 4.72
C GLY A 123 4.61 -33.10 4.37
N LYS A 124 4.99 -31.99 4.99
CA LYS A 124 6.37 -31.56 4.94
C LYS A 124 7.25 -32.66 5.52
N PRO A 125 8.38 -32.99 4.88
CA PRO A 125 9.38 -33.82 5.56
C PRO A 125 9.65 -33.20 6.91
N PHE A 126 9.55 -33.98 7.98
CA PHE A 126 9.62 -33.41 9.33
C PHE A 126 10.93 -32.66 9.57
N LEU A 127 12.07 -33.29 9.25
CA LEU A 127 13.35 -32.60 9.34
C LEU A 127 13.33 -31.24 8.65
N HIS A 128 12.70 -31.15 7.47
CA HIS A 128 12.58 -29.86 6.80
C HIS A 128 11.87 -28.85 7.70
N ALA A 129 10.76 -29.24 8.32
CA ALA A 129 10.00 -28.27 9.11
C ALA A 129 10.76 -27.84 10.34
N PHE A 130 11.62 -28.72 10.85
CA PHE A 130 12.33 -28.42 12.08
C PHE A 130 13.58 -27.58 11.83
N PHE A 131 14.23 -27.73 10.68
CA PHE A 131 15.45 -27.00 10.37
C PHE A 131 15.24 -25.84 9.43
N ILE A 132 14.10 -25.76 8.76
CA ILE A 132 13.79 -24.61 7.93
C ILE A 132 12.66 -23.86 8.60
N ASP A 133 11.43 -24.35 8.42
CA ASP A 133 10.22 -23.70 8.87
C ASP A 133 10.37 -23.12 10.26
N LEU A 134 10.58 -23.98 11.25
CA LEU A 134 10.56 -23.49 12.61
C LEU A 134 11.78 -22.64 12.90
N GLU A 135 12.95 -23.05 12.39
CA GLU A 135 14.11 -22.18 12.41
C GLU A 135 13.73 -20.80 11.89
N GLY A 136 13.17 -20.74 10.67
CA GLY A 136 12.74 -19.47 10.10
C GLY A 136 11.83 -18.68 11.04
N CYS A 137 11.03 -19.38 11.86
CA CYS A 137 10.06 -18.70 12.72
C CYS A 137 10.75 -18.02 13.89
N ILE A 138 11.62 -18.76 14.56
CA ILE A 138 12.34 -18.19 15.71
C ILE A 138 13.24 -17.05 15.28
N ARG A 139 13.91 -17.19 14.14
CA ARG A 139 14.79 -16.12 13.69
C ARG A 139 14.01 -14.84 13.42
N THR A 140 12.81 -15.00 12.85
CA THR A 140 11.99 -13.85 12.49
C THR A 140 11.44 -13.19 13.73
N LEU A 141 10.95 -13.97 14.67
CA LEU A 141 10.50 -13.42 15.94
C LEU A 141 11.59 -12.60 16.61
N ARG A 142 12.85 -12.95 16.43
CA ARG A 142 13.95 -12.29 17.13
C ARG A 142 14.41 -11.01 16.44
N TYR A 143 14.56 -11.04 15.12
CA TYR A 143 14.81 -9.81 14.37
C TYR A 143 13.82 -8.74 14.79
N PHE A 144 12.53 -9.02 14.62
CA PHE A 144 11.57 -7.96 14.86
C PHE A 144 11.47 -7.61 16.34
N ALA A 145 11.72 -8.58 17.22
CA ALA A 145 11.84 -8.25 18.62
C ALA A 145 12.83 -7.11 18.81
N GLY A 146 13.95 -7.18 18.09
CA GLY A 146 14.97 -6.15 18.04
C GLY A 146 14.55 -4.85 17.39
N TRP A 147 13.45 -4.80 16.65
CA TRP A 147 13.09 -3.52 16.00
C TRP A 147 12.15 -2.73 16.89
N ALA A 148 11.64 -3.33 17.95
CA ALA A 148 10.58 -2.66 18.73
C ALA A 148 11.03 -1.33 19.29
N ASP A 149 12.21 -1.23 19.88
CA ASP A 149 12.55 0.08 20.48
C ASP A 149 13.37 0.85 19.48
N LYS A 150 13.35 0.42 18.22
CA LYS A 150 14.09 1.16 17.21
C LYS A 150 13.22 1.55 16.03
N ILE A 151 11.90 1.46 16.19
CA ILE A 151 11.00 2.10 15.25
C ILE A 151 11.20 3.61 15.35
N GLN A 152 11.67 4.23 14.27
CA GLN A 152 12.13 5.61 14.38
C GLN A 152 11.52 6.52 13.32
N GLY A 153 10.90 7.61 13.79
CA GLY A 153 10.44 8.65 12.92
C GLY A 153 11.48 9.73 12.72
N LYS A 154 11.05 10.81 12.09
CA LYS A 154 11.95 11.84 11.64
C LYS A 154 11.63 13.16 12.33
N THR A 155 12.63 14.03 12.39
CA THR A 155 12.46 15.46 12.66
C THR A 155 12.93 16.20 11.44
N ILE A 156 12.16 17.21 11.02
CA ILE A 156 12.25 17.79 9.70
C ILE A 156 12.48 19.29 9.83
N PRO A 157 13.51 19.84 9.19
CA PRO A 157 13.72 21.29 9.23
C PRO A 157 12.70 21.98 8.33
N THR A 158 12.16 23.09 8.79
CA THR A 158 11.13 23.79 7.99
C THR A 158 11.13 25.30 7.86
N ASP A 159 11.01 26.00 8.98
CA ASP A 159 11.10 27.44 8.99
C ASP A 159 11.88 27.62 10.30
N ASP A 160 12.34 28.84 10.56
CA ASP A 160 13.05 29.09 11.80
C ASP A 160 12.13 28.86 13.00
N ASN A 161 10.85 29.24 12.87
CA ASN A 161 9.95 29.35 14.02
C ASN A 161 9.09 28.11 14.25
N VAL A 162 9.37 27.00 13.55
CA VAL A 162 8.55 25.79 13.58
C VAL A 162 9.38 24.62 14.06
N VAL A 163 8.79 23.83 14.96
CA VAL A 163 9.21 22.45 15.20
C VAL A 163 8.30 21.54 14.40
N CYS A 164 8.88 20.67 13.60
CA CYS A 164 8.08 19.72 12.84
C CYS A 164 8.75 18.36 12.87
N PHE A 165 7.94 17.33 13.10
CA PHE A 165 8.47 15.99 13.21
C PHE A 165 7.37 14.97 12.92
N THR A 166 7.78 13.72 12.74
CA THR A 166 6.88 12.64 12.40
C THR A 166 6.94 11.53 13.44
N ARG A 167 5.78 10.97 13.73
CA ARG A 167 5.66 9.81 14.58
C ARG A 167 5.16 8.63 13.74
N HIS A 168 5.62 7.42 14.07
CA HIS A 168 5.31 6.21 13.33
C HIS A 168 4.38 5.35 14.16
N GLU A 169 3.12 5.79 14.27
CA GLU A 169 2.20 5.17 15.20
C GLU A 169 1.80 3.79 14.70
N PRO A 170 1.27 2.95 15.56
CA PRO A 170 0.74 1.66 15.09
C PRO A 170 -0.58 1.85 14.34
N ILE A 171 -0.94 0.85 13.52
CA ILE A 171 -2.11 0.99 12.67
C ILE A 171 -3.39 0.62 13.40
N GLY A 172 -3.38 -0.42 14.19
CA GLY A 172 -4.61 -0.86 14.80
C GLY A 172 -4.78 -2.35 14.63
N VAL A 173 -6.03 -2.79 14.44
CA VAL A 173 -6.29 -4.22 14.32
C VAL A 173 -5.93 -4.67 12.92
N CYS A 174 -4.98 -5.61 12.84
CA CYS A 174 -4.42 -6.08 11.58
C CYS A 174 -4.88 -7.50 11.32
N GLY A 175 -5.58 -7.71 10.22
CA GLY A 175 -5.87 -9.06 9.82
C GLY A 175 -4.64 -9.72 9.21
N ALA A 176 -4.55 -11.02 9.41
CA ALA A 176 -3.56 -11.82 8.70
C ALA A 176 -4.25 -13.10 8.24
N ILE A 177 -4.01 -13.48 6.99
CA ILE A 177 -4.67 -14.63 6.36
C ILE A 177 -3.61 -15.39 5.56
N THR A 178 -3.36 -16.64 5.92
CA THR A 178 -2.22 -17.35 5.30
C THR A 178 -2.51 -18.72 4.72
N PRO A 179 -1.71 -19.18 3.75
CA PRO A 179 -1.93 -20.42 3.09
C PRO A 179 -1.45 -21.69 3.78
N TRP A 180 -1.41 -22.79 3.04
CA TRP A 180 -1.08 -24.07 3.63
C TRP A 180 0.38 -24.42 3.36
N ASN A 181 1.04 -23.73 2.41
CA ASN A 181 2.38 -24.17 2.00
C ASN A 181 3.43 -23.89 3.07
N PHE A 182 3.34 -22.78 3.78
CA PHE A 182 4.12 -22.59 5.00
C PHE A 182 3.17 -22.03 6.03
N PRO A 183 2.42 -22.90 6.71
CA PRO A 183 1.34 -22.40 7.59
C PRO A 183 1.85 -21.52 8.73
N LEU A 184 2.84 -22.00 9.49
CA LEU A 184 3.27 -21.25 10.65
C LEU A 184 4.26 -20.15 10.29
N LEU A 185 5.07 -20.35 9.26
CA LEU A 185 6.04 -19.34 8.88
C LEU A 185 5.36 -18.12 8.27
N MET A 186 4.42 -18.33 7.34
CA MET A 186 3.67 -17.21 6.76
C MET A 186 2.87 -16.44 7.79
N LEU A 187 2.41 -17.13 8.83
CA LEU A 187 1.76 -16.46 9.95
C LEU A 187 2.75 -15.60 10.72
N VAL A 188 3.89 -16.17 11.11
CA VAL A 188 4.89 -15.44 11.89
C VAL A 188 5.39 -14.20 11.14
N TRP A 189 5.69 -14.34 9.84
CA TRP A 189 6.19 -13.22 9.03
C TRP A 189 5.34 -11.98 9.19
N LYS A 190 4.06 -12.16 9.44
CA LYS A 190 3.17 -11.04 9.71
C LYS A 190 3.09 -10.71 11.20
N LEU A 191 2.99 -11.73 12.07
CA LEU A 191 2.81 -11.48 13.50
C LEU A 191 3.98 -10.72 14.11
N ALA A 192 5.22 -11.10 13.77
CA ALA A 192 6.38 -10.46 14.41
C ALA A 192 6.41 -8.96 14.16
N PRO A 193 6.53 -8.46 12.92
CA PRO A 193 6.51 -7.00 12.73
C PRO A 193 5.28 -6.33 13.30
N ALA A 194 4.09 -6.83 13.00
CA ALA A 194 2.88 -6.18 13.48
C ALA A 194 2.91 -6.11 15.01
N LEU A 195 3.34 -7.18 15.66
CA LEU A 195 3.33 -7.19 17.12
C LEU A 195 4.41 -6.35 17.76
N CYS A 196 5.58 -6.24 17.15
CA CYS A 196 6.55 -5.33 17.75
C CYS A 196 6.16 -3.88 17.53
N CYS A 197 5.33 -3.61 16.51
CA CYS A 197 4.95 -2.23 16.18
C CYS A 197 3.81 -1.75 17.04
N GLY A 198 3.23 -2.62 17.85
CA GLY A 198 2.18 -2.22 18.75
C GLY A 198 0.79 -2.34 18.21
N ASN A 199 0.53 -3.32 17.35
CA ASN A 199 -0.82 -3.52 16.85
C ASN A 199 -1.48 -4.64 17.63
N THR A 200 -2.70 -4.98 17.24
CA THR A 200 -3.37 -6.19 17.69
C THR A 200 -3.89 -6.92 16.47
N MET A 201 -4.11 -8.22 16.60
CA MET A 201 -4.25 -9.08 15.45
C MET A 201 -5.46 -10.02 15.54
N VAL A 202 -6.11 -10.27 14.39
CA VAL A 202 -7.09 -11.36 14.19
C VAL A 202 -6.50 -12.23 13.09
N LEU A 203 -6.10 -13.46 13.43
CA LEU A 203 -5.44 -14.37 12.50
C LEU A 203 -6.40 -15.45 12.03
N LYS A 204 -6.44 -15.68 10.72
CA LYS A 204 -7.12 -16.85 10.13
C LYS A 204 -6.13 -17.69 9.34
N PRO A 205 -5.79 -18.88 9.81
CA PRO A 205 -4.95 -19.79 9.04
C PRO A 205 -5.75 -20.44 7.91
N ALA A 206 -5.04 -21.23 7.10
CA ALA A 206 -5.69 -22.01 6.08
C ALA A 206 -6.49 -23.14 6.71
N GLU A 207 -7.61 -23.48 6.09
CA GLU A 207 -8.39 -24.61 6.57
C GLU A 207 -7.62 -25.93 6.43
N GLN A 208 -6.82 -26.06 5.36
CA GLN A 208 -6.02 -27.27 5.19
C GLN A 208 -5.02 -27.49 6.34
N THR A 209 -4.61 -26.40 7.02
CA THR A 209 -3.45 -26.44 7.93
C THR A 209 -3.65 -25.49 9.12
N PRO A 210 -4.61 -25.78 9.98
CA PRO A 210 -4.89 -24.88 11.11
C PRO A 210 -4.18 -25.24 12.40
N LEU A 211 -3.46 -26.35 12.44
CA LEU A 211 -3.06 -26.88 13.74
C LEU A 211 -2.01 -26.00 14.39
N THR A 212 -0.99 -25.58 13.64
CA THR A 212 0.12 -24.90 14.28
C THR A 212 -0.22 -23.47 14.61
N ALA A 213 -1.03 -22.82 13.79
CA ALA A 213 -1.49 -21.49 14.17
C ALA A 213 -2.19 -21.52 15.53
N LEU A 214 -2.94 -22.58 15.82
CA LEU A 214 -3.57 -22.66 17.13
C LEU A 214 -2.54 -22.91 18.24
N TYR A 215 -1.60 -23.82 18.01
CA TYR A 215 -0.59 -24.10 19.03
C TYR A 215 0.13 -22.81 19.44
N LEU A 216 0.61 -22.04 18.46
CA LEU A 216 1.25 -20.77 18.75
C LEU A 216 0.39 -19.91 19.66
N GLY A 217 -0.94 -19.97 19.49
CA GLY A 217 -1.82 -19.18 20.33
C GLY A 217 -1.74 -19.57 21.78
N SER A 218 -1.60 -20.86 22.05
CA SER A 218 -1.29 -21.31 23.40
C SER A 218 -0.04 -20.62 23.93
N LEU A 219 1.03 -20.57 23.11
CA LEU A 219 2.31 -20.01 23.52
C LEU A 219 2.24 -18.49 23.68
N ILE A 220 1.51 -17.82 22.79
CA ILE A 220 1.23 -16.39 22.93
C ILE A 220 0.75 -16.07 24.34
N LYS A 221 -0.15 -16.90 24.88
CA LYS A 221 -0.70 -16.64 26.20
C LYS A 221 0.33 -16.93 27.28
N GLU A 222 1.05 -18.02 27.14
CA GLU A 222 2.07 -18.36 28.13
C GLU A 222 3.15 -17.29 28.16
N ALA A 223 3.62 -16.87 26.98
CA ALA A 223 4.63 -15.81 26.92
C ALA A 223 4.14 -14.51 27.54
N GLY A 224 2.89 -14.43 27.95
CA GLY A 224 2.42 -13.31 28.74
C GLY A 224 1.90 -12.14 27.95
N PHE A 225 1.44 -12.34 26.71
CA PHE A 225 0.86 -11.23 25.98
C PHE A 225 -0.49 -10.87 26.59
N PRO A 226 -0.85 -9.59 26.61
CA PRO A 226 -2.13 -9.20 27.21
C PRO A 226 -3.28 -9.81 26.44
N PRO A 227 -4.36 -10.16 27.12
CA PRO A 227 -5.47 -10.80 26.42
C PRO A 227 -6.04 -9.87 25.37
N GLY A 228 -6.38 -10.45 24.22
CA GLY A 228 -6.90 -9.69 23.12
C GLY A 228 -5.88 -9.08 22.20
N VAL A 229 -4.59 -9.33 22.41
CA VAL A 229 -3.60 -8.73 21.52
C VAL A 229 -3.45 -9.60 20.27
N VAL A 230 -3.50 -10.90 20.43
CA VAL A 230 -3.65 -11.80 19.28
C VAL A 230 -4.92 -12.62 19.49
N ASN A 231 -5.64 -12.85 18.39
CA ASN A 231 -6.84 -13.66 18.36
C ASN A 231 -6.78 -14.52 17.10
N ILE A 232 -7.27 -15.76 17.18
CA ILE A 232 -7.24 -16.69 16.06
C ILE A 232 -8.62 -17.31 15.85
N VAL A 233 -9.16 -17.16 14.64
CA VAL A 233 -10.43 -17.76 14.25
C VAL A 233 -10.15 -18.66 13.05
N PRO A 234 -10.12 -19.98 13.22
CA PRO A 234 -9.94 -20.84 12.05
C PRO A 234 -11.26 -21.06 11.33
N GLY A 235 -11.16 -21.51 10.09
CA GLY A 235 -12.33 -21.66 9.26
C GLY A 235 -11.98 -21.43 7.81
N PHE A 236 -12.99 -21.09 7.02
CA PHE A 236 -12.88 -21.16 5.57
C PHE A 236 -12.71 -19.79 4.94
N GLY A 237 -12.14 -19.81 3.73
CA GLY A 237 -11.82 -18.61 3.01
C GLY A 237 -12.99 -17.67 2.85
N PRO A 238 -14.01 -18.11 2.12
CA PRO A 238 -15.23 -17.29 1.99
C PRO A 238 -15.87 -16.92 3.31
N THR A 239 -15.94 -17.82 4.27
CA THR A 239 -16.52 -17.44 5.55
C THR A 239 -15.78 -16.55 6.54
N VAL A 240 -14.57 -16.92 6.94
CA VAL A 240 -13.90 -16.21 8.03
C VAL A 240 -13.08 -15.21 7.24
N GLY A 241 -12.37 -15.69 6.22
CA GLY A 241 -11.49 -14.85 5.43
C GLY A 241 -12.16 -13.56 5.01
N ALA A 242 -13.23 -13.66 4.22
CA ALA A 242 -13.91 -12.48 3.72
C ALA A 242 -14.52 -11.65 4.84
N ALA A 243 -14.98 -12.30 5.91
CA ALA A 243 -15.50 -11.53 7.02
C ALA A 243 -14.42 -10.64 7.63
N ILE A 244 -13.16 -11.09 7.59
CA ILE A 244 -12.03 -10.30 8.06
C ILE A 244 -11.68 -9.19 7.07
N SER A 245 -11.63 -9.54 5.77
CA SER A 245 -11.23 -8.58 4.76
C SER A 245 -12.21 -7.41 4.65
N SER A 246 -13.49 -7.65 4.92
CA SER A 246 -14.50 -6.60 4.84
C SER A 246 -14.78 -5.90 6.15
N HIS A 247 -14.28 -6.43 7.26
CA HIS A 247 -14.70 -5.97 8.56
C HIS A 247 -14.37 -4.51 8.72
N PRO A 248 -15.32 -3.66 9.08
CA PRO A 248 -15.07 -2.21 9.11
C PRO A 248 -14.19 -1.75 10.26
N GLN A 249 -13.88 -2.57 11.26
CA GLN A 249 -13.01 -2.18 12.35
C GLN A 249 -11.63 -2.85 12.29
N ILE A 250 -11.30 -3.51 11.19
CA ILE A 250 -9.95 -3.98 10.97
C ILE A 250 -9.27 -2.97 10.07
N ASN A 251 -8.05 -2.59 10.41
CA ASN A 251 -7.45 -1.42 9.81
C ASN A 251 -6.36 -1.76 8.81
N LYS A 252 -6.01 -3.03 8.65
CA LYS A 252 -4.87 -3.40 7.83
C LYS A 252 -4.89 -4.91 7.62
N ILE A 253 -4.64 -5.35 6.39
CA ILE A 253 -4.61 -6.79 6.15
C ILE A 253 -3.26 -7.16 5.57
N ALA A 254 -2.81 -8.36 5.92
CA ALA A 254 -1.76 -9.05 5.19
C ALA A 254 -2.34 -10.35 4.66
N PHE A 255 -2.03 -10.66 3.41
CA PHE A 255 -2.53 -11.86 2.77
C PHE A 255 -1.39 -12.54 2.02
N THR A 256 -1.16 -13.82 2.32
CA THR A 256 -0.36 -14.70 1.46
C THR A 256 -1.26 -15.81 0.95
N GLY A 257 -1.25 -16.01 -0.35
CA GLY A 257 -2.24 -16.87 -0.96
C GLY A 257 -2.11 -16.76 -2.45
N SER A 258 -3.23 -16.95 -3.15
CA SER A 258 -3.29 -16.98 -4.60
C SER A 258 -3.49 -15.58 -5.16
N THR A 259 -3.14 -15.41 -6.43
CA THR A 259 -3.45 -14.14 -7.09
C THR A 259 -4.96 -13.94 -7.17
N GLU A 260 -5.69 -15.04 -7.43
CA GLU A 260 -7.13 -15.02 -7.55
C GLU A 260 -7.77 -14.48 -6.28
N VAL A 261 -7.52 -15.15 -5.15
CA VAL A 261 -8.04 -14.69 -3.87
C VAL A 261 -7.43 -13.33 -3.53
N GLY A 262 -6.22 -13.08 -3.99
CA GLY A 262 -5.55 -11.81 -3.69
C GLY A 262 -6.33 -10.63 -4.23
N LYS A 263 -6.76 -10.70 -5.49
CA LYS A 263 -7.57 -9.63 -6.06
C LYS A 263 -8.90 -9.50 -5.34
N LEU A 264 -9.44 -10.60 -4.85
CA LEU A 264 -10.69 -10.53 -4.11
C LEU A 264 -10.51 -9.77 -2.80
N VAL A 265 -9.42 -10.02 -2.09
CA VAL A 265 -9.30 -9.48 -0.74
C VAL A 265 -9.00 -7.99 -0.78
N LYS A 266 -8.13 -7.56 -1.69
CA LYS A 266 -7.90 -6.14 -1.87
C LYS A 266 -9.18 -5.42 -2.29
N GLU A 267 -9.96 -6.03 -3.19
CA GLU A 267 -11.25 -5.47 -3.58
C GLU A 267 -12.16 -5.26 -2.38
N ALA A 268 -12.39 -6.32 -1.58
CA ALA A 268 -13.23 -6.22 -0.40
C ALA A 268 -12.76 -5.11 0.56
N ALA A 269 -11.43 -5.02 0.80
CA ALA A 269 -10.94 -3.97 1.68
C ALA A 269 -11.24 -2.60 1.11
N SER A 270 -11.17 -2.49 -0.21
CA SER A 270 -11.51 -1.23 -0.84
C SER A 270 -12.98 -0.89 -0.66
N ARG A 271 -13.85 -1.90 -0.78
CA ARG A 271 -15.30 -1.67 -0.76
C ARG A 271 -15.80 -1.16 0.58
N SER A 272 -15.05 -1.39 1.63
CA SER A 272 -15.60 -1.04 2.94
C SER A 272 -14.46 -0.85 3.91
N ASN A 273 -14.35 0.36 4.46
CA ASN A 273 -13.39 0.79 5.51
C ASN A 273 -12.03 1.18 4.94
N LEU A 274 -11.83 1.02 3.63
CA LEU A 274 -10.58 1.40 2.95
C LEU A 274 -9.39 0.94 3.79
N LYS A 275 -9.27 -0.34 4.07
CA LYS A 275 -8.13 -0.80 4.87
C LYS A 275 -6.87 -0.78 4.04
N ARG A 276 -5.75 -0.78 4.73
CA ARG A 276 -4.52 -0.83 4.01
C ARG A 276 -4.17 -2.29 3.83
N VAL A 277 -3.72 -2.65 2.64
CA VAL A 277 -3.60 -4.04 2.26
C VAL A 277 -2.20 -4.30 1.74
N THR A 278 -1.56 -5.38 2.22
CA THR A 278 -0.30 -5.86 1.64
C THR A 278 -0.43 -7.35 1.29
N LEU A 279 0.03 -7.70 0.07
CA LEU A 279 -0.30 -8.94 -0.60
C LEU A 279 0.94 -9.67 -1.11
N GLU A 280 0.99 -10.98 -0.94
CA GLU A 280 2.14 -11.78 -1.42
C GLU A 280 1.51 -12.98 -2.11
N LEU A 281 1.72 -13.19 -3.41
CA LEU A 281 0.95 -14.32 -4.00
C LEU A 281 1.58 -15.03 -5.20
N GLY A 282 2.69 -15.75 -5.05
CA GLY A 282 3.22 -16.60 -6.14
C GLY A 282 3.82 -15.94 -7.38
N GLY A 283 4.35 -16.76 -8.29
CA GLY A 283 4.97 -16.17 -9.48
C GLY A 283 5.36 -17.19 -10.52
N LYS A 284 5.73 -16.67 -11.68
CA LYS A 284 6.32 -17.46 -12.76
C LYS A 284 7.84 -17.34 -12.70
N ASN A 285 8.37 -17.74 -11.55
CA ASN A 285 9.72 -17.38 -11.10
C ASN A 285 10.83 -17.90 -11.99
N PRO A 286 11.47 -17.01 -12.75
CA PRO A 286 12.52 -17.45 -13.66
C PRO A 286 13.75 -17.89 -12.88
N CYS A 287 14.48 -18.84 -13.49
CA CYS A 287 15.73 -19.36 -12.95
C CYS A 287 16.68 -19.45 -14.13
N ILE A 288 17.41 -18.37 -14.37
CA ILE A 288 18.34 -18.27 -15.49
C ILE A 288 19.65 -18.96 -15.14
N VAL A 289 20.16 -19.78 -16.07
CA VAL A 289 21.43 -20.49 -15.91
C VAL A 289 22.31 -20.12 -17.08
N CYS A 290 23.28 -19.23 -16.86
CA CYS A 290 24.17 -18.82 -17.94
C CYS A 290 25.24 -19.87 -18.21
N ALA A 291 25.85 -19.77 -19.41
CA ALA A 291 26.80 -20.78 -19.85
C ALA A 291 28.00 -20.88 -18.91
N ASP A 292 28.47 -19.75 -18.38
CA ASP A 292 29.59 -19.71 -17.46
C ASP A 292 29.10 -19.85 -16.02
N ALA A 293 28.68 -21.06 -15.68
CA ALA A 293 28.03 -21.29 -14.40
C ALA A 293 28.58 -22.55 -13.76
N ASP A 294 28.76 -22.53 -12.45
CA ASP A 294 29.14 -23.74 -11.72
C ASP A 294 27.82 -24.42 -12.08
N LEU A 295 27.97 -25.50 -12.85
CA LEU A 295 26.85 -26.24 -13.42
C LEU A 295 26.38 -27.14 -12.29
N ASP A 296 27.33 -27.79 -11.60
CA ASP A 296 26.95 -28.70 -10.54
C ASP A 296 26.19 -27.98 -9.44
N LEU A 297 26.55 -26.73 -9.20
CA LEU A 297 25.78 -25.90 -8.27
C LEU A 297 24.45 -25.52 -8.88
N ALA A 298 24.43 -25.25 -10.19
CA ALA A 298 23.20 -24.81 -10.82
C ALA A 298 22.16 -25.93 -10.81
N VAL A 299 22.57 -27.15 -11.14
CA VAL A 299 21.62 -28.26 -11.08
C VAL A 299 21.14 -28.45 -9.65
N GLU A 300 22.07 -28.47 -8.68
CA GLU A 300 21.66 -28.72 -7.31
C GLU A 300 20.70 -27.65 -6.79
N CYS A 301 20.99 -26.37 -7.07
CA CYS A 301 20.10 -25.32 -6.56
C CYS A 301 18.83 -25.21 -7.40
N ALA A 302 18.96 -25.17 -8.73
CA ALA A 302 17.75 -25.16 -9.56
C ALA A 302 16.98 -26.47 -9.51
N HIS A 303 17.48 -27.49 -8.79
CA HIS A 303 16.71 -28.69 -8.47
C HIS A 303 15.94 -28.51 -7.17
N GLN A 304 16.66 -28.31 -6.06
CA GLN A 304 16.00 -28.03 -4.79
C GLN A 304 15.15 -26.76 -4.88
N GLY A 305 15.54 -25.82 -5.74
CA GLY A 305 14.69 -24.69 -6.03
C GLY A 305 13.34 -25.10 -6.60
N VAL A 306 13.36 -25.90 -7.67
CA VAL A 306 12.09 -26.38 -8.22
C VAL A 306 11.33 -27.18 -7.19
N PHE A 307 11.98 -28.22 -6.64
CA PHE A 307 11.27 -29.31 -6.00
C PHE A 307 11.07 -29.14 -4.50
N PHE A 308 11.65 -28.11 -3.87
CA PHE A 308 11.60 -28.06 -2.41
C PHE A 308 10.15 -27.98 -1.93
N ASN A 309 9.88 -28.64 -0.81
CA ASN A 309 8.57 -28.61 -0.18
C ASN A 309 7.51 -29.21 -1.11
N GLN A 310 7.92 -30.23 -1.87
CA GLN A 310 7.09 -30.93 -2.84
C GLN A 310 6.74 -30.01 -4.02
N GLY A 311 7.60 -29.03 -4.24
CA GLY A 311 7.44 -28.05 -5.32
C GLY A 311 6.31 -27.09 -5.00
N GLN A 312 5.69 -27.27 -3.84
CA GLN A 312 4.57 -26.43 -3.38
C GLN A 312 5.13 -25.25 -2.60
N CYS A 313 5.67 -24.26 -3.28
CA CYS A 313 6.24 -23.10 -2.56
C CYS A 313 5.96 -21.73 -3.16
N CYS A 314 5.87 -20.67 -2.35
CA CYS A 314 5.61 -19.33 -2.96
C CYS A 314 6.73 -19.04 -3.96
N THR A 315 7.95 -19.40 -3.58
CA THR A 315 9.14 -19.13 -4.43
C THR A 315 9.59 -20.33 -5.25
N ALA A 316 8.68 -21.14 -5.78
CA ALA A 316 9.17 -22.30 -6.52
C ALA A 316 9.76 -21.91 -7.88
N ALA A 317 10.58 -22.80 -8.41
CA ALA A 317 11.22 -22.50 -9.71
C ALA A 317 10.38 -23.09 -10.81
N SER A 318 9.82 -22.23 -11.65
CA SER A 318 8.99 -22.67 -12.80
C SER A 318 9.44 -22.72 -14.24
N ARG A 319 10.08 -21.66 -14.69
CA ARG A 319 10.62 -21.58 -16.07
C ARG A 319 12.09 -21.60 -15.66
N VAL A 320 12.88 -22.48 -16.27
CA VAL A 320 14.32 -22.68 -16.10
C VAL A 320 14.99 -22.37 -17.43
N PHE A 321 15.55 -21.17 -17.58
CA PHE A 321 16.24 -20.79 -18.81
C PHE A 321 17.72 -21.18 -18.76
N VAL A 322 18.17 -21.88 -19.78
CA VAL A 322 19.54 -22.37 -19.87
C VAL A 322 20.11 -21.95 -21.20
N GLU A 323 21.39 -21.58 -21.23
CA GLU A 323 22.01 -21.15 -22.46
C GLU A 323 22.34 -22.37 -23.32
N GLU A 324 22.22 -22.20 -24.63
CA GLU A 324 22.42 -23.28 -25.58
C GLU A 324 23.69 -24.05 -25.27
N GLN A 325 24.81 -23.33 -25.11
CA GLN A 325 26.12 -23.93 -24.94
C GLN A 325 26.13 -25.02 -23.90
N VAL A 326 25.17 -25.01 -22.97
CA VAL A 326 25.13 -25.98 -21.89
C VAL A 326 23.77 -26.66 -21.76
N TYR A 327 22.83 -26.38 -22.67
CA TYR A 327 21.47 -26.86 -22.54
C TYR A 327 21.41 -28.36 -22.26
N SER A 328 22.03 -29.16 -23.12
CA SER A 328 21.89 -30.61 -23.03
C SER A 328 22.44 -31.11 -21.71
N GLU A 329 23.72 -30.83 -21.45
CA GLU A 329 24.33 -31.50 -20.32
C GLU A 329 23.71 -31.04 -19.00
N PHE A 330 23.16 -29.83 -18.96
CA PHE A 330 22.31 -29.46 -17.84
C PHE A 330 21.16 -30.45 -17.69
N VAL A 331 20.33 -30.57 -18.74
CA VAL A 331 19.18 -31.48 -18.70
C VAL A 331 19.61 -32.85 -18.22
N ARG A 332 20.70 -33.39 -18.77
CA ARG A 332 21.14 -34.71 -18.36
C ARG A 332 21.52 -34.74 -16.88
N ARG A 333 22.08 -33.65 -16.37
CA ARG A 333 22.44 -33.61 -14.95
C ARG A 333 21.22 -33.44 -14.08
N SER A 334 20.19 -32.75 -14.59
CA SER A 334 18.98 -32.57 -13.82
C SER A 334 18.22 -33.88 -13.65
N VAL A 335 18.33 -34.78 -14.63
CA VAL A 335 17.43 -35.92 -14.65
C VAL A 335 17.89 -37.02 -13.70
N GLU A 336 19.20 -37.11 -13.45
CA GLU A 336 19.67 -38.08 -12.47
C GLU A 336 19.35 -37.62 -11.05
N TYR A 337 19.55 -36.33 -10.78
CA TYR A 337 19.12 -35.75 -9.50
C TYR A 337 17.67 -36.12 -9.21
N ALA A 338 16.80 -35.93 -10.21
CA ALA A 338 15.37 -36.13 -10.03
C ALA A 338 15.06 -37.54 -9.55
N LYS A 339 15.67 -38.53 -10.17
CA LYS A 339 15.44 -39.94 -9.77
C LYS A 339 16.10 -40.18 -8.41
N LYS A 340 17.30 -39.66 -8.22
CA LYS A 340 18.06 -39.88 -6.96
C LYS A 340 17.33 -39.30 -5.74
N ARG A 341 16.66 -38.15 -5.89
CA ARG A 341 15.93 -37.45 -4.78
C ARG A 341 14.78 -38.30 -4.25
N PRO A 342 14.80 -38.87 -2.87
CA PRO A 342 13.95 -39.78 -2.08
C PRO A 342 12.57 -39.18 -1.77
N VAL A 343 11.51 -39.96 -2.04
CA VAL A 343 10.13 -39.59 -1.73
C VAL A 343 9.50 -40.71 -0.88
N GLY A 344 8.67 -40.34 0.09
CA GLY A 344 8.11 -41.30 1.03
C GLY A 344 7.53 -40.75 2.32
N ASP A 345 7.71 -41.46 3.43
CA ASP A 345 7.12 -41.02 4.70
C ASP A 345 7.74 -39.71 5.15
N PRO A 346 6.93 -38.70 5.48
CA PRO A 346 7.50 -37.45 6.03
C PRO A 346 8.29 -37.65 7.30
N PHE A 347 7.87 -38.59 8.15
CA PHE A 347 8.60 -38.76 9.42
C PHE A 347 9.92 -39.51 9.21
N ASP A 348 10.14 -40.09 8.03
CA ASP A 348 11.40 -40.82 7.80
C ASP A 348 12.52 -39.79 7.74
N VAL A 349 13.73 -40.14 8.20
CA VAL A 349 14.88 -39.19 8.25
C VAL A 349 15.61 -39.12 6.91
N LYS A 350 15.18 -39.87 5.91
CA LYS A 350 15.87 -39.86 4.61
C LYS A 350 14.92 -39.32 3.56
N THR A 351 13.81 -38.71 3.96
CA THR A 351 12.88 -38.24 2.94
C THR A 351 13.24 -36.83 2.50
N GLU A 352 12.85 -36.49 1.27
CA GLU A 352 12.98 -35.13 0.76
C GLU A 352 11.69 -34.57 0.21
N GLN A 353 10.72 -35.42 -0.13
CA GLN A 353 9.47 -35.00 -0.76
C GLN A 353 8.35 -35.83 -0.17
N GLY A 354 7.56 -35.24 0.69
CA GLY A 354 6.36 -35.86 1.17
C GLY A 354 5.28 -35.82 0.10
N PRO A 355 4.03 -35.95 0.52
CA PRO A 355 2.92 -35.92 -0.45
C PRO A 355 2.49 -34.50 -0.80
N GLN A 356 1.69 -34.41 -1.85
CA GLN A 356 1.03 -33.15 -2.14
C GLN A 356 -0.13 -32.94 -1.18
N ILE A 357 -0.71 -31.75 -1.18
CA ILE A 357 -1.49 -31.32 -0.03
C ILE A 357 -2.87 -31.97 -0.03
N ASP A 358 -3.61 -31.90 -1.14
CA ASP A 358 -4.99 -32.37 -1.15
C ASP A 358 -5.34 -32.86 -2.56
N GLN A 359 -6.60 -33.28 -2.73
CA GLN A 359 -7.03 -33.88 -3.99
C GLN A 359 -7.13 -32.85 -5.14
N LYS A 360 -7.65 -31.65 -4.85
CA LYS A 360 -7.67 -30.59 -5.88
C LYS A 360 -6.28 -30.36 -6.47
N GLN A 361 -5.28 -30.27 -5.61
CA GLN A 361 -3.92 -29.95 -6.11
C GLN A 361 -3.36 -31.14 -6.88
N PHE A 362 -3.42 -32.32 -6.29
CA PHE A 362 -2.80 -33.52 -6.90
C PHE A 362 -3.36 -33.75 -8.29
N ASP A 363 -4.67 -33.66 -8.44
CA ASP A 363 -5.27 -33.87 -9.78
C ASP A 363 -4.84 -32.71 -10.68
N LYS A 364 -4.92 -31.50 -10.15
CA LYS A 364 -4.65 -30.31 -10.96
C LYS A 364 -3.20 -30.30 -11.46
N ILE A 365 -2.28 -30.83 -10.66
CA ILE A 365 -0.89 -30.92 -11.11
C ILE A 365 -0.72 -32.05 -12.10
N LEU A 366 -1.31 -33.22 -11.80
CA LEU A 366 -1.29 -34.33 -12.73
C LEU A 366 -1.84 -33.93 -14.09
N GLU A 367 -2.84 -33.04 -14.11
CA GLU A 367 -3.39 -32.60 -15.39
C GLU A 367 -2.40 -31.75 -16.16
N LEU A 368 -1.72 -30.84 -15.47
CA LEU A 368 -0.76 -29.98 -16.15
C LEU A 368 0.37 -30.80 -16.77
N ILE A 369 0.73 -31.93 -16.15
CA ILE A 369 1.70 -32.82 -16.78
C ILE A 369 1.28 -33.15 -18.20
N GLU A 370 0.01 -33.54 -18.35
CA GLU A 370 -0.47 -34.02 -19.64
C GLU A 370 -0.43 -32.92 -20.68
N SER A 371 -0.83 -31.70 -20.31
CA SER A 371 -0.67 -30.56 -21.22
C SER A 371 0.75 -30.45 -21.72
N GLY A 372 1.72 -30.85 -20.90
CA GLY A 372 3.11 -30.87 -21.31
C GLY A 372 3.37 -31.91 -22.37
N LYS A 373 3.08 -33.17 -22.05
CA LYS A 373 3.13 -34.25 -23.04
C LYS A 373 2.43 -33.81 -24.32
N LYS A 374 1.21 -33.28 -24.19
CA LYS A 374 0.31 -32.98 -25.29
C LYS A 374 0.57 -31.62 -25.96
N GLU A 375 1.50 -30.86 -25.42
CA GLU A 375 1.90 -29.59 -26.06
C GLU A 375 3.25 -29.82 -26.75
N GLY A 376 3.81 -31.02 -26.62
CA GLY A 376 5.04 -31.42 -27.35
C GLY A 376 6.36 -31.17 -26.64
N ALA A 377 6.55 -31.72 -25.44
CA ALA A 377 7.82 -31.47 -24.74
C ALA A 377 8.40 -32.78 -24.20
N LYS A 378 9.67 -33.04 -24.52
CA LYS A 378 10.39 -34.25 -24.13
C LYS A 378 10.21 -34.51 -22.64
N LEU A 379 9.61 -35.65 -22.29
CA LEU A 379 9.44 -36.03 -20.88
C LEU A 379 10.65 -36.82 -20.41
N GLU A 380 11.74 -36.08 -20.15
CA GLU A 380 13.04 -36.68 -19.78
C GLU A 380 12.93 -37.61 -18.57
N CYS A 381 11.98 -37.41 -17.67
CA CYS A 381 11.94 -38.28 -16.47
C CYS A 381 10.54 -38.26 -15.83
N GLY A 382 10.22 -39.22 -14.96
CA GLY A 382 8.94 -39.23 -14.22
C GLY A 382 7.75 -39.10 -15.15
N GLY A 383 6.85 -38.17 -14.86
CA GLY A 383 5.69 -37.88 -15.73
C GLY A 383 4.36 -38.44 -15.27
N SER A 384 4.30 -39.09 -14.12
CA SER A 384 3.00 -39.64 -13.66
C SER A 384 3.10 -39.91 -12.17
N ALA A 385 1.97 -40.03 -11.48
CA ALA A 385 2.05 -40.30 -10.04
C ALA A 385 2.42 -41.75 -9.77
N MET A 386 2.77 -42.04 -8.52
CA MET A 386 3.28 -43.36 -8.16
C MET A 386 2.69 -43.79 -6.82
N GLU A 387 2.48 -45.11 -6.67
CA GLU A 387 1.90 -45.80 -5.46
C GLU A 387 0.54 -45.24 -5.04
N ASP A 388 -0.46 -45.49 -5.88
CA ASP A 388 -1.72 -44.75 -5.88
C ASP A 388 -2.33 -44.52 -4.50
N LYS A 389 -2.07 -45.40 -3.53
CA LYS A 389 -2.66 -45.28 -2.21
C LYS A 389 -2.09 -44.12 -1.40
N GLY A 390 -1.02 -43.47 -1.89
CA GLY A 390 -0.57 -42.22 -1.35
C GLY A 390 -0.93 -41.04 -2.26
N LEU A 391 -0.71 -39.84 -1.73
CA LEU A 391 -0.86 -38.59 -2.48
C LEU A 391 0.48 -38.09 -3.05
N PHE A 392 1.25 -38.98 -3.65
CA PHE A 392 2.62 -38.68 -4.07
C PHE A 392 2.71 -38.62 -5.59
N ILE A 393 3.76 -37.93 -6.08
CA ILE A 393 3.98 -37.75 -7.52
C ILE A 393 5.45 -37.97 -7.86
N LYS A 394 5.70 -38.84 -8.84
CA LYS A 394 7.04 -39.01 -9.39
C LYS A 394 7.64 -37.66 -9.77
N PRO A 395 8.84 -37.35 -9.30
CA PRO A 395 9.51 -36.10 -9.71
C PRO A 395 9.79 -36.06 -11.21
N THR A 396 9.30 -35.01 -11.85
CA THR A 396 9.16 -34.96 -13.30
C THR A 396 9.95 -33.78 -13.89
N VAL A 397 10.65 -34.05 -15.00
CA VAL A 397 11.45 -33.08 -15.73
C VAL A 397 10.87 -32.94 -17.15
N PHE A 398 11.07 -31.79 -17.76
CA PHE A 398 10.74 -31.58 -19.17
C PHE A 398 11.91 -30.95 -19.93
N SER A 399 12.01 -31.28 -21.21
CA SER A 399 12.90 -30.65 -22.16
C SER A 399 12.28 -29.90 -23.31
N GLU A 400 13.09 -29.23 -24.12
CA GLU A 400 12.61 -28.50 -25.30
C GLU A 400 11.30 -27.72 -25.12
N VAL A 401 11.06 -27.27 -23.89
CA VAL A 401 9.86 -26.50 -23.54
C VAL A 401 9.99 -25.12 -24.14
N THR A 402 9.02 -24.75 -24.95
CA THR A 402 8.94 -23.44 -25.58
C THR A 402 8.23 -22.48 -24.65
N ASP A 403 7.99 -21.26 -25.09
CA ASP A 403 7.32 -20.31 -24.16
C ASP A 403 5.82 -20.59 -24.11
N ASN A 404 5.13 -20.44 -25.24
CA ASN A 404 3.65 -20.56 -25.32
C ASN A 404 3.79 -22.07 -25.07
N MET A 405 3.35 -22.61 -23.92
CA MET A 405 3.40 -24.04 -23.66
C MET A 405 2.65 -23.80 -22.36
N ARG A 406 2.05 -24.85 -21.84
CA ARG A 406 1.26 -24.61 -20.64
C ARG A 406 2.09 -24.77 -19.39
N ILE A 407 2.91 -25.81 -19.31
CA ILE A 407 3.77 -25.98 -18.15
C ILE A 407 4.63 -24.75 -17.92
N ALA A 408 4.84 -23.93 -18.95
CA ALA A 408 5.72 -22.78 -18.86
C ALA A 408 5.01 -21.46 -18.58
N LYS A 409 3.67 -21.42 -18.61
CA LYS A 409 2.94 -20.17 -18.41
C LYS A 409 2.22 -20.08 -17.07
N GLU A 410 2.04 -21.22 -16.38
CA GLU A 410 1.17 -21.32 -15.20
C GLU A 410 1.92 -21.88 -14.00
N GLU A 411 1.53 -21.43 -12.81
CA GLU A 411 2.15 -21.88 -11.58
C GLU A 411 1.69 -23.29 -11.26
N ILE A 412 2.66 -24.21 -11.13
CA ILE A 412 2.34 -25.62 -11.10
C ILE A 412 2.26 -26.18 -9.68
N PHE A 413 2.81 -25.49 -8.69
CA PHE A 413 2.68 -25.92 -7.29
C PHE A 413 2.98 -27.40 -7.10
N GLY A 414 4.05 -27.87 -7.72
CA GLY A 414 4.42 -29.25 -7.58
C GLY A 414 5.64 -29.61 -8.40
N PRO A 415 6.14 -30.83 -8.21
CA PRO A 415 7.41 -31.22 -8.84
C PRO A 415 7.34 -31.34 -10.35
N VAL A 416 7.87 -30.36 -11.07
CA VAL A 416 7.84 -30.29 -12.52
C VAL A 416 9.01 -29.35 -12.80
N GLN A 417 9.84 -29.65 -13.79
CA GLN A 417 11.04 -28.86 -13.99
C GLN A 417 11.14 -28.54 -15.49
N PRO A 418 10.40 -27.54 -15.98
CA PRO A 418 10.43 -27.24 -17.42
C PRO A 418 11.65 -26.42 -17.77
N ILE A 419 12.55 -27.00 -18.57
CA ILE A 419 13.79 -26.35 -18.98
C ILE A 419 13.60 -25.69 -20.35
N LEU A 420 14.33 -24.60 -20.59
CA LEU A 420 14.18 -23.86 -21.83
C LEU A 420 15.56 -23.48 -22.37
N LYS A 421 15.61 -23.19 -23.67
CA LYS A 421 16.84 -22.78 -24.34
C LYS A 421 16.81 -21.26 -24.44
N PHE A 422 17.99 -20.63 -24.34
CA PHE A 422 18.04 -19.21 -24.64
C PHE A 422 19.44 -18.88 -25.17
N LYS A 423 19.51 -17.76 -25.89
CA LYS A 423 20.71 -17.38 -26.66
C LYS A 423 21.42 -16.20 -26.01
N SER A 424 20.89 -15.00 -26.14
CA SER A 424 21.56 -13.81 -25.62
C SER A 424 20.98 -13.45 -24.26
N ILE A 425 21.77 -12.68 -23.49
CA ILE A 425 21.26 -12.08 -22.26
C ILE A 425 19.98 -11.31 -22.54
N GLU A 426 20.07 -10.32 -23.43
CA GLU A 426 18.91 -9.50 -23.77
C GLU A 426 17.75 -10.32 -24.29
N GLU A 427 18.01 -11.51 -24.83
CA GLU A 427 16.88 -12.39 -25.13
C GLU A 427 16.16 -12.79 -23.85
N VAL A 428 16.91 -13.24 -22.83
CA VAL A 428 16.28 -13.82 -21.65
C VAL A 428 15.81 -12.76 -20.65
N ILE A 429 16.40 -11.57 -20.69
CA ILE A 429 15.83 -10.47 -19.92
C ILE A 429 14.40 -10.22 -20.36
N LYS A 430 14.21 -10.02 -21.67
CA LYS A 430 12.88 -9.82 -22.22
C LYS A 430 11.97 -11.02 -21.94
N ARG A 431 12.48 -12.23 -22.10
CA ARG A 431 11.64 -13.43 -21.96
C ARG A 431 11.18 -13.63 -20.52
N ALA A 432 12.03 -13.32 -19.54
CA ALA A 432 11.62 -13.51 -18.14
C ALA A 432 10.64 -12.41 -17.71
N ASN A 433 10.87 -11.18 -18.13
CA ASN A 433 9.89 -10.14 -17.74
C ASN A 433 8.83 -10.23 -18.84
N SER A 434 8.10 -11.34 -18.92
CA SER A 434 7.12 -11.44 -20.03
C SER A 434 5.81 -11.66 -19.27
N THR A 435 5.90 -12.17 -18.06
CA THR A 435 4.73 -12.52 -17.26
C THR A 435 4.22 -11.28 -16.56
N ASP A 436 3.08 -11.44 -15.92
CA ASP A 436 2.62 -10.46 -14.97
C ASP A 436 3.17 -10.71 -13.58
N TYR A 437 3.77 -11.87 -13.35
CA TYR A 437 4.30 -12.20 -12.02
C TYR A 437 5.73 -11.67 -11.87
N GLY A 438 6.38 -12.02 -10.77
CA GLY A 438 7.73 -11.48 -10.56
C GLY A 438 8.04 -11.45 -9.09
N LEU A 439 7.88 -12.58 -8.43
CA LEU A 439 8.16 -12.61 -7.00
C LEU A 439 9.65 -12.87 -6.79
N THR A 440 10.24 -13.72 -7.61
CA THR A 440 11.59 -14.10 -7.28
C THR A 440 12.26 -14.59 -8.54
N ALA A 441 13.58 -14.52 -8.59
CA ALA A 441 14.33 -14.98 -9.75
C ALA A 441 15.73 -15.36 -9.28
N ALA A 442 16.29 -16.39 -9.89
CA ALA A 442 17.67 -16.79 -9.63
C ALA A 442 18.50 -16.65 -10.91
N VAL A 443 19.76 -16.29 -10.75
CA VAL A 443 20.68 -16.16 -11.86
C VAL A 443 21.97 -16.85 -11.44
N PHE A 444 22.55 -17.63 -12.35
CA PHE A 444 23.79 -18.34 -12.07
C PHE A 444 24.77 -17.97 -13.15
N THR A 445 25.90 -17.40 -12.76
CA THR A 445 27.00 -17.10 -13.64
C THR A 445 28.19 -16.75 -12.77
N LYS A 446 29.36 -16.84 -13.37
CA LYS A 446 30.56 -16.34 -12.73
C LYS A 446 30.89 -14.94 -13.20
N ASN A 447 30.13 -14.38 -14.13
CA ASN A 447 30.51 -13.13 -14.78
C ASN A 447 29.97 -11.95 -14.00
N LEU A 448 30.89 -11.09 -13.53
CA LEU A 448 30.50 -9.89 -12.79
C LEU A 448 29.49 -9.05 -13.56
N ASP A 449 29.76 -8.77 -14.83
CA ASP A 449 28.84 -7.92 -15.56
C ASP A 449 27.53 -8.63 -15.91
N LYS A 450 27.56 -9.95 -16.14
CA LYS A 450 26.31 -10.64 -16.46
C LYS A 450 25.42 -10.68 -15.24
N ALA A 451 25.96 -11.17 -14.12
CA ALA A 451 25.19 -11.25 -12.90
C ALA A 451 24.52 -9.92 -12.61
N LEU A 452 25.30 -8.84 -12.61
CA LEU A 452 24.74 -7.55 -12.24
C LEU A 452 23.78 -7.01 -13.29
N LYS A 453 24.15 -7.10 -14.58
CA LYS A 453 23.24 -6.62 -15.63
C LYS A 453 21.91 -7.35 -15.56
N LEU A 454 21.94 -8.66 -15.37
CA LEU A 454 20.72 -9.43 -15.15
C LEU A 454 20.00 -8.97 -13.89
N ALA A 455 20.74 -8.89 -12.77
CA ALA A 455 20.16 -8.47 -11.50
C ALA A 455 19.40 -7.15 -11.62
N SER A 456 19.95 -6.18 -12.38
CA SER A 456 19.30 -4.88 -12.50
C SER A 456 18.05 -4.94 -13.37
N ALA A 457 18.09 -5.72 -14.44
CA ALA A 457 17.04 -5.64 -15.45
C ALA A 457 15.87 -6.54 -15.16
N LEU A 458 16.06 -7.56 -14.33
CA LEU A 458 14.96 -8.46 -14.04
C LEU A 458 13.90 -7.76 -13.20
N GLU A 459 12.63 -7.95 -13.58
CA GLU A 459 11.50 -7.36 -12.86
C GLU A 459 11.01 -8.31 -11.77
N SER A 460 11.90 -8.66 -10.86
CA SER A 460 11.54 -9.58 -9.81
C SER A 460 11.78 -8.95 -8.44
N GLY A 461 11.02 -9.43 -7.46
CA GLY A 461 11.09 -8.92 -6.11
C GLY A 461 12.43 -9.21 -5.48
N THR A 462 12.77 -10.49 -5.31
CA THR A 462 14.13 -10.89 -4.99
C THR A 462 14.79 -11.42 -6.25
N VAL A 463 16.11 -11.29 -6.32
CA VAL A 463 16.91 -11.85 -7.40
C VAL A 463 18.09 -12.46 -6.67
N TRP A 464 18.06 -13.78 -6.48
CA TRP A 464 19.24 -14.48 -6.01
C TRP A 464 20.25 -14.60 -7.13
N ILE A 465 21.52 -14.80 -6.75
CA ILE A 465 22.62 -14.94 -7.70
C ILE A 465 23.61 -15.96 -7.13
N ASN A 466 23.77 -17.07 -7.82
CA ASN A 466 24.59 -18.20 -7.37
C ASN A 466 24.11 -18.72 -6.01
N CYS A 467 22.80 -18.92 -5.91
CA CYS A 467 22.13 -19.54 -4.79
C CYS A 467 20.64 -19.58 -5.10
N TYR A 468 19.90 -20.31 -4.28
CA TYR A 468 18.44 -20.31 -4.38
C TYR A 468 17.84 -20.43 -2.98
N ASN A 469 16.67 -19.80 -2.79
CA ASN A 469 15.90 -19.85 -1.53
C ASN A 469 16.70 -19.27 -0.35
N ALA A 470 17.31 -18.11 -0.59
CA ALA A 470 18.16 -17.45 0.39
C ALA A 470 17.39 -16.29 1.02
N LEU A 471 16.49 -16.62 1.93
CA LEU A 471 15.69 -15.62 2.62
C LEU A 471 16.26 -15.36 4.01
N TYR A 472 16.43 -14.10 4.34
CA TYR A 472 16.92 -13.73 5.67
C TYR A 472 15.88 -12.78 6.23
N ALA A 473 15.70 -12.74 7.56
CA ALA A 473 14.71 -11.78 8.10
C ALA A 473 15.11 -10.33 7.76
N GLN A 474 16.39 -10.01 7.74
CA GLN A 474 16.93 -8.66 7.45
C GLN A 474 16.69 -8.20 6.02
N ALA A 475 16.36 -9.09 5.09
CA ALA A 475 16.19 -8.70 3.70
C ALA A 475 14.72 -8.82 3.32
N PRO A 476 14.14 -7.81 2.69
CA PRO A 476 12.70 -7.84 2.44
C PRO A 476 12.35 -8.81 1.32
N PHE A 477 11.10 -9.30 1.37
CA PHE A 477 10.62 -10.26 0.38
C PHE A 477 9.22 -9.91 -0.08
N GLY A 478 9.02 -9.83 -1.38
CA GLY A 478 7.71 -9.48 -1.87
C GLY A 478 7.72 -9.35 -3.37
N GLY A 479 6.52 -9.14 -3.92
CA GLY A 479 6.30 -9.21 -5.36
C GLY A 479 6.41 -7.91 -6.13
N PHE A 480 6.83 -8.06 -7.37
CA PHE A 480 6.74 -6.96 -8.35
C PHE A 480 5.50 -7.23 -9.17
N LYS A 481 4.96 -6.21 -9.81
CA LYS A 481 3.79 -6.37 -10.71
C LYS A 481 2.63 -7.07 -9.98
N MET A 482 2.08 -8.09 -10.60
CA MET A 482 0.91 -8.79 -10.03
C MET A 482 1.38 -9.86 -9.07
N SER A 483 2.57 -9.74 -8.50
CA SER A 483 2.92 -10.76 -7.51
C SER A 483 2.75 -10.29 -6.08
N GLY A 484 2.54 -9.00 -5.86
CA GLY A 484 2.34 -8.49 -4.51
C GLY A 484 2.18 -6.97 -4.47
N ASN A 485 1.94 -6.47 -3.25
CA ASN A 485 2.11 -5.06 -2.89
C ASN A 485 2.84 -5.05 -1.56
N GLY A 486 3.89 -4.19 -1.43
CA GLY A 486 4.61 -4.07 -0.18
C GLY A 486 5.56 -5.24 0.08
N ARG A 487 6.18 -5.23 1.25
CA ARG A 487 7.20 -6.24 1.52
C ARG A 487 7.03 -6.83 2.91
N GLU A 488 7.78 -7.87 3.20
CA GLU A 488 7.83 -8.54 4.52
C GLU A 488 9.27 -8.91 4.83
N LEU A 489 9.56 -9.13 6.11
CA LEU A 489 10.84 -9.61 6.72
C LEU A 489 11.97 -8.58 6.73
N GLY A 490 11.74 -7.31 6.46
CA GLY A 490 12.91 -6.41 6.48
C GLY A 490 12.65 -5.18 7.30
N GLU A 491 13.57 -4.23 7.32
CA GLU A 491 13.21 -2.99 8.02
C GLU A 491 12.03 -2.45 7.24
N TYR A 492 11.83 -2.96 6.03
CA TYR A 492 10.75 -2.50 5.21
C TYR A 492 9.39 -3.00 5.69
N ALA A 493 9.35 -4.09 6.45
CA ALA A 493 8.07 -4.57 6.92
C ALA A 493 7.43 -3.55 7.85
N LEU A 494 8.23 -2.87 8.66
CA LEU A 494 7.69 -1.88 9.59
C LEU A 494 6.79 -0.89 8.90
N ALA A 495 7.16 -0.51 7.67
CA ALA A 495 6.33 0.38 6.89
C ALA A 495 4.89 -0.11 6.86
N GLU A 496 4.71 -1.40 6.60
CA GLU A 496 3.38 -1.93 6.38
C GLU A 496 2.55 -2.03 7.66
N TYR A 497 3.17 -1.87 8.84
CA TYR A 497 2.46 -1.97 10.11
C TYR A 497 2.54 -0.69 10.96
N THR A 498 2.78 0.47 10.34
CA THR A 498 2.77 1.74 11.04
C THR A 498 2.17 2.82 10.16
N GLU A 499 1.50 3.77 10.80
CA GLU A 499 0.93 4.92 10.10
C GLU A 499 1.71 6.18 10.45
N VAL A 500 2.07 6.94 9.43
CA VAL A 500 2.88 8.14 9.62
C VAL A 500 1.98 9.29 10.03
N LYS A 501 2.35 10.00 11.08
CA LYS A 501 1.70 11.23 11.46
C LYS A 501 2.72 12.35 11.41
N THR A 502 2.27 13.55 11.02
CA THR A 502 3.09 14.76 11.04
C THR A 502 2.63 15.75 12.10
N VAL A 503 3.51 16.08 13.03
CA VAL A 503 3.24 17.09 14.05
C VAL A 503 4.01 18.35 13.71
N THR A 504 3.30 19.47 13.61
CA THR A 504 3.90 20.71 13.10
C THR A 504 3.51 21.82 14.05
N ILE A 505 4.42 22.18 14.94
CA ILE A 505 4.19 23.19 15.97
C ILE A 505 4.73 24.54 15.53
N LYS A 506 3.96 25.61 15.82
CA LYS A 506 4.35 27.00 15.54
C LYS A 506 4.54 27.79 16.83
N LEU A 507 5.57 28.64 16.85
CA LEU A 507 5.94 29.34 18.06
C LEU A 507 5.71 30.85 17.92
N GLY A 508 5.60 31.53 19.07
CA GLY A 508 5.17 32.92 19.15
C GLY A 508 6.03 33.98 18.51
N ARG B 25 -5.09 40.16 -17.42
CA ARG B 25 -6.49 40.59 -17.51
C ARG B 25 -7.30 39.65 -18.42
N ASN B 26 -7.42 40.02 -19.70
CA ASN B 26 -7.96 39.15 -20.74
C ASN B 26 -6.81 38.34 -21.31
N LEU B 27 -6.76 37.05 -20.96
CA LEU B 27 -5.67 36.17 -21.34
C LEU B 27 -6.20 35.01 -22.16
N GLU B 28 -5.57 34.75 -23.30
CA GLU B 28 -6.00 33.70 -24.20
C GLU B 28 -5.55 32.33 -23.70
N VAL B 29 -6.44 31.36 -23.78
CA VAL B 29 -6.08 29.97 -23.50
C VAL B 29 -5.42 29.39 -24.74
N LYS B 30 -4.17 28.96 -24.62
CA LYS B 30 -3.41 28.56 -25.79
C LYS B 30 -3.30 27.05 -25.99
N PHE B 31 -3.51 26.25 -24.95
CA PHE B 31 -3.37 24.80 -25.05
C PHE B 31 -4.66 24.16 -24.58
N THR B 32 -5.18 23.21 -25.38
CA THR B 32 -6.49 22.59 -25.16
C THR B 32 -6.55 21.14 -25.59
N LYS B 33 -5.43 20.50 -25.86
CA LYS B 33 -5.47 19.19 -26.50
C LYS B 33 -4.85 18.11 -25.61
N ILE B 34 -4.99 16.85 -26.04
CA ILE B 34 -4.35 15.73 -25.37
C ILE B 34 -2.85 15.80 -25.60
N PHE B 35 -2.07 15.65 -24.54
CA PHE B 35 -0.62 15.80 -24.58
C PHE B 35 0.00 14.41 -24.51
N ILE B 36 0.65 13.96 -25.58
CA ILE B 36 1.23 12.62 -25.63
C ILE B 36 2.47 12.66 -26.49
N ASN B 37 3.59 12.19 -25.94
CA ASN B 37 4.90 12.26 -26.61
C ASN B 37 5.26 13.69 -27.01
N ASN B 38 4.87 14.67 -26.19
CA ASN B 38 5.20 16.07 -26.42
C ASN B 38 4.66 16.60 -27.73
N GLU B 39 3.63 15.96 -28.26
CA GLU B 39 2.86 16.49 -29.37
C GLU B 39 1.41 16.66 -28.88
N TRP B 40 0.71 17.64 -29.44
CA TRP B 40 -0.69 17.90 -29.09
C TRP B 40 -1.63 17.11 -29.99
N HIS B 41 -2.68 16.55 -29.39
CA HIS B 41 -3.47 15.50 -30.02
C HIS B 41 -4.97 15.81 -29.97
N GLU B 42 -5.72 15.12 -30.83
CA GLU B 42 -7.16 15.20 -30.82
C GLU B 42 -7.73 13.88 -30.33
N SER B 43 -8.98 13.95 -29.86
CA SER B 43 -9.67 12.75 -29.40
C SER B 43 -9.66 11.74 -30.51
N LYS B 44 -9.55 10.47 -30.16
CA LYS B 44 -9.77 9.50 -31.22
C LYS B 44 -11.22 9.58 -31.71
N SER B 45 -12.08 10.23 -30.93
CA SER B 45 -13.47 10.47 -31.27
C SER B 45 -13.75 11.87 -31.78
N GLY B 46 -12.77 12.77 -31.74
CA GLY B 46 -13.04 14.15 -32.03
C GLY B 46 -14.04 14.85 -31.12
N LYS B 47 -14.61 14.15 -30.15
CA LYS B 47 -15.46 14.75 -29.12
C LYS B 47 -14.73 15.87 -28.36
N LYS B 48 -15.51 16.79 -27.80
CA LYS B 48 -14.97 17.85 -26.96
C LYS B 48 -15.96 18.22 -25.86
N PHE B 49 -15.41 18.63 -24.72
CA PHE B 49 -16.17 19.18 -23.61
C PHE B 49 -15.69 20.61 -23.37
N ALA B 50 -16.34 21.32 -22.45
CA ALA B 50 -16.18 22.76 -22.41
C ALA B 50 -16.15 23.26 -20.97
N THR B 51 -14.95 23.57 -20.48
CA THR B 51 -14.81 24.12 -19.13
C THR B 51 -15.29 25.55 -19.08
N CYS B 52 -15.88 25.91 -17.95
CA CYS B 52 -16.51 27.20 -17.80
C CYS B 52 -15.80 27.94 -16.66
N ASN B 53 -16.39 29.03 -16.24
CA ASN B 53 -15.72 29.88 -15.24
C ASN B 53 -16.67 30.07 -14.07
N PRO B 54 -16.42 29.54 -12.87
CA PRO B 54 -17.35 29.71 -11.77
C PRO B 54 -17.59 31.17 -11.40
N SER B 55 -16.55 32.02 -11.48
CA SER B 55 -16.71 33.46 -11.15
C SER B 55 -17.83 34.06 -12.01
N THR B 56 -17.62 34.14 -13.33
CA THR B 56 -18.69 34.63 -14.21
C THR B 56 -19.04 33.50 -15.17
N ARG B 57 -20.25 32.96 -15.05
CA ARG B 57 -20.60 31.74 -15.80
C ARG B 57 -20.37 32.01 -17.29
N GLU B 58 -19.39 31.34 -17.89
CA GLU B 58 -18.89 31.71 -19.21
C GLU B 58 -18.04 30.56 -19.73
N GLN B 59 -18.41 29.98 -20.86
CA GLN B 59 -17.56 28.95 -21.43
C GLN B 59 -16.20 29.54 -21.79
N ILE B 60 -15.16 29.07 -21.09
CA ILE B 60 -13.77 29.46 -21.28
C ILE B 60 -13.30 29.09 -22.69
N CYS B 61 -13.22 27.79 -22.95
CA CYS B 61 -12.81 27.26 -24.24
C CYS B 61 -13.34 25.84 -24.32
N GLU B 62 -13.04 25.16 -25.44
CA GLU B 62 -13.40 23.76 -25.62
C GLU B 62 -12.13 22.91 -25.64
N VAL B 63 -12.07 21.95 -24.71
CA VAL B 63 -10.95 21.02 -24.55
C VAL B 63 -11.32 19.70 -25.18
N GLU B 64 -10.34 18.98 -25.72
CA GLU B 64 -10.61 17.66 -26.29
C GLU B 64 -11.10 16.71 -25.20
N GLU B 65 -12.10 15.88 -25.54
CA GLU B 65 -12.63 14.90 -24.59
C GLU B 65 -12.00 13.55 -24.89
N GLY B 66 -10.90 13.25 -24.20
CA GLY B 66 -10.28 11.96 -24.30
C GLY B 66 -11.13 10.85 -23.72
N ASP B 67 -10.61 9.64 -23.86
CA ASP B 67 -11.35 8.43 -23.55
C ASP B 67 -10.45 7.22 -23.77
N LYS B 68 -10.98 6.02 -23.49
CA LYS B 68 -10.19 4.80 -23.48
C LYS B 68 -9.18 4.69 -24.63
N PRO B 69 -9.55 4.88 -25.89
CA PRO B 69 -8.50 4.90 -26.94
C PRO B 69 -7.39 5.93 -26.70
N ASP B 70 -7.74 7.15 -26.28
CA ASP B 70 -6.72 8.14 -25.98
C ASP B 70 -5.81 7.68 -24.84
N VAL B 71 -6.41 7.25 -23.73
CA VAL B 71 -5.63 6.66 -22.66
C VAL B 71 -4.72 5.57 -23.22
N ASP B 72 -5.34 4.55 -23.85
CA ASP B 72 -4.63 3.40 -24.45
C ASP B 72 -3.39 3.84 -25.18
N LYS B 73 -3.51 4.99 -25.85
CA LYS B 73 -2.40 5.56 -26.59
C LYS B 73 -1.32 6.08 -25.65
N ALA B 74 -1.68 7.00 -24.74
CA ALA B 74 -0.68 7.57 -23.83
C ALA B 74 0.02 6.49 -23.01
N VAL B 75 -0.75 5.53 -22.47
CA VAL B 75 -0.14 4.47 -21.69
C VAL B 75 0.90 3.73 -22.49
N GLU B 76 0.70 3.58 -23.80
CA GLU B 76 1.77 3.01 -24.61
C GLU B 76 2.95 3.98 -24.66
N ALA B 77 2.69 5.26 -24.91
CA ALA B 77 3.79 6.22 -24.97
C ALA B 77 4.58 6.23 -23.67
N ALA B 78 3.91 6.00 -22.55
CA ALA B 78 4.64 5.94 -21.30
C ALA B 78 5.50 4.69 -21.23
N GLN B 79 4.95 3.55 -21.64
CA GLN B 79 5.75 2.33 -21.58
C GLN B 79 7.00 2.46 -22.42
N VAL B 80 6.88 3.06 -23.59
CA VAL B 80 8.05 3.18 -24.44
C VAL B 80 9.08 4.06 -23.79
N ALA B 81 8.68 5.27 -23.36
CA ALA B 81 9.66 6.19 -22.79
C ALA B 81 10.19 5.69 -21.46
N PHE B 82 9.52 4.73 -20.84
CA PHE B 82 10.02 4.07 -19.65
C PHE B 82 10.85 2.84 -19.96
N GLN B 83 10.73 2.31 -21.17
CA GLN B 83 11.48 1.11 -21.55
C GLN B 83 12.98 1.25 -21.28
N ARG B 84 13.63 0.11 -21.02
CA ARG B 84 15.04 0.10 -20.67
C ARG B 84 15.88 0.55 -21.85
N GLY B 85 16.81 1.46 -21.60
CA GLY B 85 17.60 2.02 -22.67
C GLY B 85 17.03 3.29 -23.25
N SER B 86 15.82 3.68 -22.87
CA SER B 86 15.24 4.91 -23.34
C SER B 86 16.10 6.08 -22.92
N PRO B 87 15.93 7.25 -23.55
CA PRO B 87 16.65 8.44 -23.09
C PRO B 87 16.32 8.80 -21.66
N TRP B 88 15.09 8.54 -21.24
CA TRP B 88 14.73 8.75 -19.84
C TRP B 88 15.47 7.77 -18.93
N ARG B 89 15.44 6.46 -19.25
CA ARG B 89 15.98 5.49 -18.31
C ARG B 89 17.46 5.68 -18.08
N ARG B 90 18.17 6.12 -19.12
CA ARG B 90 19.63 6.18 -19.06
C ARG B 90 20.15 7.46 -18.45
N LEU B 91 19.30 8.46 -18.26
CA LEU B 91 19.72 9.71 -17.65
C LEU B 91 20.42 9.50 -16.32
N ASP B 92 21.55 10.19 -16.17
CA ASP B 92 22.25 10.26 -14.91
C ASP B 92 21.34 10.78 -13.82
N ALA B 93 21.30 10.09 -12.68
CA ALA B 93 20.30 10.39 -11.65
C ALA B 93 20.22 11.88 -11.32
N LEU B 94 21.33 12.61 -11.42
CA LEU B 94 21.24 14.04 -11.13
C LEU B 94 20.63 14.83 -12.26
N SER B 95 20.80 14.39 -13.50
CA SER B 95 20.17 15.11 -14.60
C SER B 95 18.65 14.95 -14.55
N ARG B 96 18.17 13.97 -13.79
CA ARG B 96 16.74 13.90 -13.54
C ARG B 96 16.28 15.10 -12.72
N GLY B 97 17.05 15.45 -11.69
CA GLY B 97 16.79 16.68 -10.97
C GLY B 97 17.08 17.96 -11.76
N ARG B 98 18.07 17.93 -12.67
CA ARG B 98 18.31 19.11 -13.52
C ARG B 98 17.04 19.48 -14.26
N LEU B 99 16.39 18.49 -14.87
CA LEU B 99 15.12 18.75 -15.53
C LEU B 99 14.12 19.30 -14.52
N LEU B 100 13.92 18.57 -13.42
CA LEU B 100 12.96 19.01 -12.42
C LEU B 100 13.22 20.43 -11.94
N HIS B 101 14.49 20.85 -11.89
CA HIS B 101 14.76 22.26 -11.62
C HIS B 101 14.46 23.15 -12.79
N GLN B 102 14.70 22.65 -14.01
CA GLN B 102 14.36 23.41 -15.19
C GLN B 102 12.85 23.67 -15.26
N LEU B 103 12.06 22.63 -15.01
CA LEU B 103 10.62 22.78 -15.05
C LEU B 103 10.13 23.75 -13.98
N ALA B 104 10.69 23.65 -12.78
CA ALA B 104 10.31 24.63 -11.77
C ALA B 104 10.68 26.03 -12.21
N ASP B 105 11.85 26.19 -12.84
CA ASP B 105 12.22 27.50 -13.37
C ASP B 105 11.15 28.01 -14.31
N LEU B 106 10.74 27.16 -15.26
CA LEU B 106 9.73 27.60 -16.20
C LEU B 106 8.44 27.95 -15.47
N VAL B 107 7.97 27.07 -14.59
CA VAL B 107 6.76 27.40 -13.85
C VAL B 107 6.93 28.77 -13.22
N GLU B 108 8.11 29.00 -12.64
CA GLU B 108 8.44 30.29 -12.05
C GLU B 108 8.26 31.41 -13.06
N ARG B 109 8.81 31.21 -14.27
CA ARG B 109 8.71 32.22 -15.32
C ARG B 109 7.26 32.54 -15.65
N ASP B 110 6.51 31.56 -16.11
CA ASP B 110 5.17 31.87 -16.55
C ASP B 110 4.19 31.86 -15.39
N ARG B 111 4.62 32.32 -14.22
CA ARG B 111 3.87 32.06 -12.98
C ARG B 111 2.46 32.64 -13.01
N ALA B 112 2.32 33.95 -13.30
CA ALA B 112 1.00 34.57 -13.21
C ALA B 112 0.06 34.09 -14.32
N THR B 113 0.61 33.73 -15.51
CA THR B 113 -0.18 33.00 -16.48
C THR B 113 -0.94 31.90 -15.76
N LEU B 114 -0.19 31.03 -15.09
CA LEU B 114 -0.81 29.90 -14.41
C LEU B 114 -1.81 30.39 -13.36
N ALA B 115 -1.40 31.34 -12.53
CA ALA B 115 -2.35 31.82 -11.51
C ALA B 115 -3.61 32.36 -12.17
N ALA B 116 -3.45 33.01 -13.31
CA ALA B 116 -4.58 33.55 -14.05
C ALA B 116 -5.50 32.43 -14.51
N LEU B 117 -4.95 31.51 -15.29
CA LEU B 117 -5.68 30.32 -15.78
C LEU B 117 -6.33 29.60 -14.60
N GLU B 118 -5.56 29.25 -13.57
CA GLU B 118 -6.11 28.55 -12.39
C GLU B 118 -7.25 29.37 -11.78
N THR B 119 -7.21 30.69 -11.94
CA THR B 119 -8.30 31.51 -11.41
C THR B 119 -9.52 31.43 -12.32
N MET B 120 -9.31 31.66 -13.62
CA MET B 120 -10.39 31.49 -14.60
C MET B 120 -11.07 30.15 -14.44
N ASP B 121 -10.31 29.12 -14.11
CA ASP B 121 -10.81 27.76 -14.19
C ASP B 121 -11.53 27.29 -12.94
N THR B 122 -11.17 27.86 -11.79
CA THR B 122 -11.70 27.49 -10.49
C THR B 122 -12.40 28.63 -9.78
N GLY B 123 -12.18 29.87 -10.19
CA GLY B 123 -12.70 31.00 -9.44
C GLY B 123 -12.00 31.29 -8.13
N LYS B 124 -10.76 30.85 -7.95
CA LYS B 124 -10.00 31.27 -6.78
C LYS B 124 -9.61 32.74 -6.92
N PRO B 125 -9.45 33.44 -5.81
CA PRO B 125 -8.82 34.78 -5.86
C PRO B 125 -7.47 34.71 -6.57
N PHE B 126 -7.23 35.64 -7.51
CA PHE B 126 -6.03 35.54 -8.34
C PHE B 126 -4.77 35.58 -7.52
N LEU B 127 -4.79 36.26 -6.38
CA LEU B 127 -3.62 36.23 -5.54
C LEU B 127 -3.46 34.89 -4.85
N HIS B 128 -4.54 34.40 -4.21
CA HIS B 128 -4.54 33.07 -3.63
C HIS B 128 -3.91 32.05 -4.56
N ALA B 129 -4.30 32.09 -5.84
CA ALA B 129 -3.69 31.22 -6.83
C ALA B 129 -2.25 31.59 -7.13
N PHE B 130 -1.86 32.84 -6.89
CA PHE B 130 -0.49 33.23 -7.22
C PHE B 130 0.50 32.98 -6.08
N PHE B 131 0.06 33.16 -4.85
CA PHE B 131 0.96 33.08 -3.70
C PHE B 131 0.85 31.79 -2.92
N ILE B 132 -0.22 31.01 -3.11
CA ILE B 132 -0.33 29.73 -2.45
C ILE B 132 -0.09 28.64 -3.48
N ASP B 133 -1.06 28.46 -4.38
CA ASP B 133 -1.01 27.38 -5.34
C ASP B 133 0.32 27.33 -6.07
N LEU B 134 0.71 28.43 -6.70
CA LEU B 134 1.91 28.38 -7.51
C LEU B 134 3.18 28.46 -6.67
N GLU B 135 3.12 29.07 -5.48
CA GLU B 135 4.26 28.98 -4.58
C GLU B 135 4.47 27.54 -4.18
N GLY B 136 3.38 26.84 -3.88
CA GLY B 136 3.46 25.43 -3.57
C GLY B 136 3.94 24.60 -4.76
N CYS B 137 3.42 24.89 -5.95
CA CYS B 137 3.89 24.18 -7.11
C CYS B 137 5.39 24.34 -7.27
N ILE B 138 5.89 25.58 -7.18
CA ILE B 138 7.30 25.84 -7.39
C ILE B 138 8.15 25.19 -6.30
N ARG B 139 7.74 25.35 -5.03
CA ARG B 139 8.52 24.76 -3.95
C ARG B 139 8.54 23.25 -4.02
N THR B 140 7.37 22.63 -4.22
CA THR B 140 7.27 21.17 -4.23
C THR B 140 8.14 20.57 -5.31
N LEU B 141 8.19 21.22 -6.47
CA LEU B 141 9.04 20.76 -7.58
C LEU B 141 10.54 20.76 -7.28
N ARG B 142 11.06 21.86 -6.73
CA ARG B 142 12.47 21.90 -6.39
C ARG B 142 12.86 20.99 -5.23
N TYR B 143 11.92 20.72 -4.32
CA TYR B 143 12.23 19.91 -3.16
C TYR B 143 12.55 18.52 -3.68
N PHE B 144 11.70 17.99 -4.54
CA PHE B 144 11.95 16.66 -5.05
C PHE B 144 13.04 16.63 -6.10
N ALA B 145 13.37 17.77 -6.69
CA ALA B 145 14.60 17.83 -7.46
C ALA B 145 15.79 17.41 -6.60
N GLY B 146 15.85 17.95 -5.38
CA GLY B 146 16.83 17.50 -4.40
C GLY B 146 16.99 15.99 -4.30
N TRP B 147 15.88 15.25 -4.17
CA TRP B 147 15.92 13.83 -3.83
C TRP B 147 16.40 12.90 -4.94
N ALA B 148 16.50 13.38 -6.19
CA ALA B 148 16.69 12.48 -7.33
C ALA B 148 17.94 11.62 -7.22
N ASP B 149 19.02 12.15 -6.63
CA ASP B 149 20.26 11.40 -6.47
C ASP B 149 20.52 11.05 -5.03
N LYS B 150 19.47 11.04 -4.21
CA LYS B 150 19.58 10.66 -2.81
C LYS B 150 18.60 9.55 -2.46
N ILE B 151 18.05 8.86 -3.47
CA ILE B 151 17.18 7.71 -3.26
C ILE B 151 18.07 6.50 -3.00
N GLN B 152 18.24 6.11 -1.74
CA GLN B 152 19.24 5.11 -1.38
C GLN B 152 18.57 3.86 -0.83
N GLY B 153 18.94 2.71 -1.37
CA GLY B 153 18.56 1.44 -0.79
C GLY B 153 19.43 1.17 0.42
N LYS B 154 19.42 -0.08 0.85
CA LYS B 154 20.22 -0.52 1.97
C LYS B 154 21.19 -1.57 1.49
N THR B 155 22.32 -1.70 2.17
CA THR B 155 23.16 -2.88 2.12
C THR B 155 22.98 -3.60 3.44
N ILE B 156 22.59 -4.86 3.40
CA ILE B 156 22.05 -5.57 4.55
C ILE B 156 23.08 -6.58 5.03
N PRO B 157 23.54 -6.67 6.39
CA PRO B 157 24.52 -7.69 7.30
C PRO B 157 23.68 -8.96 7.27
N THR B 158 24.22 -10.05 6.72
CA THR B 158 23.47 -11.33 6.65
C THR B 158 24.26 -12.54 7.16
N ASP B 159 25.25 -12.99 6.39
CA ASP B 159 25.89 -14.29 6.59
C ASP B 159 27.28 -13.74 6.30
N ASP B 160 28.27 -14.61 6.43
CA ASP B 160 29.64 -14.19 6.19
C ASP B 160 30.00 -14.19 4.72
N ASN B 161 29.40 -15.06 3.92
CA ASN B 161 29.80 -15.27 2.54
C ASN B 161 28.81 -14.69 1.54
N VAL B 162 27.89 -13.85 2.01
CA VAL B 162 26.74 -13.41 1.22
C VAL B 162 26.74 -11.90 1.16
N VAL B 163 26.72 -11.37 -0.04
CA VAL B 163 26.46 -9.95 -0.26
C VAL B 163 24.97 -9.76 -0.48
N CYS B 164 24.32 -9.02 0.40
CA CYS B 164 22.91 -8.73 0.20
C CYS B 164 22.63 -7.24 0.21
N PHE B 165 21.82 -6.78 -0.73
CA PHE B 165 21.46 -5.37 -0.80
C PHE B 165 20.11 -5.19 -1.45
N THR B 166 19.58 -3.96 -1.34
CA THR B 166 18.32 -3.64 -1.99
C THR B 166 18.49 -2.38 -2.84
N ARG B 167 17.84 -2.40 -3.99
CA ARG B 167 17.71 -1.22 -4.82
C ARG B 167 16.28 -0.72 -4.77
N HIS B 168 16.10 0.59 -4.98
CA HIS B 168 14.79 1.23 -4.96
C HIS B 168 14.51 1.72 -6.37
N GLU B 169 14.01 0.82 -7.20
CA GLU B 169 13.78 1.13 -8.60
C GLU B 169 12.45 1.83 -8.77
N PRO B 170 12.26 2.54 -9.88
CA PRO B 170 10.96 3.14 -10.17
C PRO B 170 9.90 2.13 -10.62
N ILE B 171 8.64 2.44 -10.32
CA ILE B 171 7.60 1.44 -10.49
C ILE B 171 7.22 1.28 -11.96
N GLY B 172 7.19 2.37 -12.72
CA GLY B 172 6.78 2.30 -14.11
C GLY B 172 5.84 3.40 -14.57
N VAL B 173 4.81 3.01 -15.32
CA VAL B 173 3.81 3.99 -15.73
C VAL B 173 2.94 4.33 -14.54
N CYS B 174 2.88 5.61 -14.20
CA CYS B 174 2.19 6.04 -13.00
C CYS B 174 0.95 6.83 -13.37
N GLY B 175 -0.17 6.52 -12.72
CA GLY B 175 -1.42 7.23 -12.94
C GLY B 175 -1.66 8.32 -11.91
N ALA B 176 -1.89 9.53 -12.41
CA ALA B 176 -2.26 10.65 -11.55
C ALA B 176 -3.67 11.11 -11.91
N ILE B 177 -4.53 11.22 -10.90
CA ILE B 177 -5.94 11.65 -11.09
C ILE B 177 -6.23 12.64 -9.98
N THR B 178 -6.55 13.89 -10.33
CA THR B 178 -6.69 14.97 -9.33
C THR B 178 -8.07 15.59 -9.36
N PRO B 179 -8.51 16.47 -8.31
CA PRO B 179 -9.86 17.34 -7.86
C PRO B 179 -9.57 18.71 -8.43
N TRP B 180 -10.65 19.41 -8.60
CA TRP B 180 -10.64 20.85 -8.95
C TRP B 180 -10.31 21.91 -7.91
N ASN B 181 -10.08 21.55 -6.65
CA ASN B 181 -9.89 22.63 -5.69
C ASN B 181 -8.46 23.15 -5.67
N PHE B 182 -7.46 22.29 -5.94
CA PHE B 182 -6.08 22.74 -6.14
C PHE B 182 -5.47 21.99 -7.32
N PRO B 183 -5.96 22.27 -8.55
CA PRO B 183 -5.64 21.41 -9.69
C PRO B 183 -4.16 21.26 -9.95
N LEU B 184 -3.46 22.37 -10.15
CA LEU B 184 -2.05 22.29 -10.50
C LEU B 184 -1.22 21.82 -9.32
N LEU B 185 -1.59 22.22 -8.10
CA LEU B 185 -0.86 21.75 -6.93
C LEU B 185 -1.06 20.25 -6.73
N MET B 186 -2.31 19.81 -6.55
CA MET B 186 -2.60 18.39 -6.42
C MET B 186 -1.97 17.55 -7.52
N LEU B 187 -1.76 18.15 -8.69
CA LEU B 187 -1.07 17.51 -9.79
C LEU B 187 0.44 17.46 -9.57
N VAL B 188 1.04 18.57 -9.16
CA VAL B 188 2.48 18.57 -8.93
C VAL B 188 2.86 17.62 -7.80
N TRP B 189 2.08 17.61 -6.71
CA TRP B 189 2.39 16.73 -5.58
C TRP B 189 2.58 15.28 -5.99
N LYS B 190 2.00 14.86 -7.12
CA LYS B 190 2.23 13.51 -7.65
C LYS B 190 3.28 13.48 -8.75
N LEU B 191 3.38 14.54 -9.55
CA LEU B 191 4.32 14.52 -10.65
C LEU B 191 5.75 14.64 -10.16
N ALA B 192 6.00 15.60 -9.28
CA ALA B 192 7.33 15.87 -8.76
C ALA B 192 7.97 14.59 -8.23
N PRO B 193 7.45 13.95 -7.17
CA PRO B 193 8.12 12.73 -6.71
C PRO B 193 8.19 11.63 -7.78
N ALA B 194 7.14 11.46 -8.58
CA ALA B 194 7.12 10.35 -9.51
C ALA B 194 8.26 10.43 -10.53
N LEU B 195 8.55 11.64 -10.98
CA LEU B 195 9.57 11.85 -12.03
C LEU B 195 10.96 11.80 -11.43
N CYS B 196 11.16 12.31 -10.23
CA CYS B 196 12.52 12.22 -9.64
C CYS B 196 12.91 10.76 -9.48
N CYS B 197 12.01 9.90 -9.03
CA CYS B 197 12.32 8.45 -8.92
C CYS B 197 12.46 7.84 -10.30
N GLY B 198 12.00 8.54 -11.35
CA GLY B 198 12.15 8.05 -12.70
C GLY B 198 11.04 7.16 -13.23
N ASN B 199 9.79 7.36 -12.82
CA ASN B 199 8.69 6.71 -13.51
C ASN B 199 8.33 7.56 -14.73
N THR B 200 7.36 7.07 -15.51
CA THR B 200 6.65 7.89 -16.48
C THR B 200 5.19 7.93 -16.07
N MET B 201 4.48 8.96 -16.50
CA MET B 201 3.14 9.22 -15.98
C MET B 201 2.10 9.39 -17.09
N VAL B 202 0.86 8.99 -16.78
CA VAL B 202 -0.33 9.38 -17.53
C VAL B 202 -1.22 10.19 -16.59
N LEU B 203 -1.32 11.48 -16.89
CA LEU B 203 -2.07 12.42 -16.04
C LEU B 203 -3.53 12.61 -16.42
N LYS B 204 -4.43 12.55 -15.48
CA LYS B 204 -5.83 12.79 -15.88
C LYS B 204 -6.46 13.60 -14.77
N PRO B 205 -6.55 15.06 -14.94
CA PRO B 205 -7.00 16.30 -14.34
C PRO B 205 -8.52 16.23 -14.26
N ALA B 206 -9.07 17.07 -13.39
CA ALA B 206 -10.52 17.22 -13.32
C ALA B 206 -11.08 17.61 -14.69
N GLU B 207 -12.40 17.51 -14.85
CA GLU B 207 -13.01 18.12 -16.02
C GLU B 207 -13.30 19.59 -15.77
N GLN B 208 -13.83 19.92 -14.58
CA GLN B 208 -14.03 21.30 -14.14
C GLN B 208 -12.82 22.19 -14.37
N THR B 209 -11.61 21.64 -14.24
CA THR B 209 -10.38 22.42 -14.15
C THR B 209 -9.26 21.69 -14.86
N PRO B 210 -9.25 21.69 -16.19
CA PRO B 210 -8.18 21.03 -16.94
C PRO B 210 -7.15 21.97 -17.54
N LEU B 211 -7.24 23.28 -17.30
CA LEU B 211 -6.45 24.22 -18.08
C LEU B 211 -5.01 24.22 -17.66
N THR B 212 -4.73 24.43 -16.36
CA THR B 212 -3.34 24.57 -15.95
C THR B 212 -2.55 23.30 -16.19
N ALA B 213 -3.16 22.14 -15.93
CA ALA B 213 -2.50 20.88 -16.26
C ALA B 213 -2.06 20.87 -17.72
N LEU B 214 -2.93 21.28 -18.63
CA LEU B 214 -2.56 21.23 -20.03
C LEU B 214 -1.44 22.22 -20.35
N TYR B 215 -1.45 23.40 -19.70
CA TYR B 215 -0.34 24.33 -19.86
C TYR B 215 0.97 23.66 -19.48
N LEU B 216 1.02 23.12 -18.27
CA LEU B 216 2.25 22.56 -17.76
C LEU B 216 2.86 21.58 -18.72
N GLY B 217 2.03 20.99 -19.59
CA GLY B 217 2.54 20.13 -20.64
C GLY B 217 3.39 20.85 -21.66
N SER B 218 3.10 22.13 -21.91
CA SER B 218 4.03 22.91 -22.71
C SER B 218 5.36 23.01 -21.99
N LEU B 219 5.31 23.48 -20.73
CA LEU B 219 6.52 23.65 -19.94
C LEU B 219 7.33 22.35 -19.85
N ILE B 220 6.64 21.21 -19.84
CA ILE B 220 7.35 19.94 -19.73
C ILE B 220 8.15 19.66 -21.00
N LYS B 221 7.56 19.93 -22.18
CA LYS B 221 8.33 19.75 -23.42
C LYS B 221 9.45 20.77 -23.52
N GLU B 222 9.21 21.98 -22.99
CA GLU B 222 10.19 23.05 -23.10
C GLU B 222 11.41 22.77 -22.23
N ALA B 223 11.20 22.49 -20.94
CA ALA B 223 12.31 22.05 -20.10
C ALA B 223 12.98 20.82 -20.68
N GLY B 224 12.35 20.11 -21.59
CA GLY B 224 13.06 19.14 -22.36
C GLY B 224 13.08 17.75 -21.78
N PHE B 225 12.08 17.37 -21.01
CA PHE B 225 11.90 15.96 -20.66
C PHE B 225 11.75 15.15 -21.95
N PRO B 226 12.26 13.92 -21.98
CA PRO B 226 12.09 13.07 -23.16
C PRO B 226 10.63 12.95 -23.54
N PRO B 227 10.31 12.61 -24.79
CA PRO B 227 8.91 12.45 -25.16
C PRO B 227 8.34 11.18 -24.57
N GLY B 228 7.09 11.28 -24.09
CA GLY B 228 6.41 10.16 -23.47
C GLY B 228 6.68 9.95 -22.00
N VAL B 229 7.41 10.86 -21.36
CA VAL B 229 7.66 10.74 -19.93
C VAL B 229 6.46 11.22 -19.12
N VAL B 230 5.88 12.34 -19.52
CA VAL B 230 4.59 12.76 -19.00
C VAL B 230 3.62 12.83 -20.17
N ASN B 231 2.39 12.39 -19.92
CA ASN B 231 1.28 12.44 -20.85
C ASN B 231 0.03 12.88 -20.10
N ILE B 232 -0.73 13.79 -20.70
CA ILE B 232 -1.98 14.27 -20.12
C ILE B 232 -3.13 13.91 -21.04
N VAL B 233 -4.25 13.47 -20.45
CA VAL B 233 -5.46 13.09 -21.18
C VAL B 233 -6.69 13.67 -20.49
N PRO B 234 -7.09 14.90 -20.79
CA PRO B 234 -8.22 15.49 -20.08
C PRO B 234 -9.52 14.80 -20.46
N GLY B 235 -10.53 15.01 -19.64
CA GLY B 235 -11.79 14.35 -19.91
C GLY B 235 -12.55 14.07 -18.63
N PHE B 236 -13.29 12.99 -18.65
CA PHE B 236 -14.28 12.73 -17.61
C PHE B 236 -13.86 11.58 -16.72
N GLY B 237 -14.50 11.53 -15.54
CA GLY B 237 -14.16 10.60 -14.50
C GLY B 237 -14.50 9.17 -14.88
N PRO B 238 -15.78 8.91 -15.05
CA PRO B 238 -16.20 7.55 -15.43
C PRO B 238 -15.63 7.08 -16.78
N THR B 239 -15.24 8.01 -17.66
CA THR B 239 -14.65 7.63 -18.95
C THR B 239 -13.12 7.55 -18.85
N VAL B 240 -12.45 8.69 -18.72
CA VAL B 240 -10.99 8.67 -18.79
C VAL B 240 -10.42 8.09 -17.52
N GLY B 241 -10.76 8.70 -16.39
CA GLY B 241 -10.22 8.24 -15.12
C GLY B 241 -10.42 6.75 -14.91
N ALA B 242 -11.64 6.28 -15.21
CA ALA B 242 -11.93 4.87 -15.08
C ALA B 242 -11.14 4.02 -16.06
N ALA B 243 -10.72 4.59 -17.19
CA ALA B 243 -9.87 3.82 -18.08
C ALA B 243 -8.51 3.60 -17.45
N ILE B 244 -7.98 4.63 -16.78
CA ILE B 244 -6.70 4.53 -16.10
C ILE B 244 -6.75 3.46 -15.03
N SER B 245 -7.68 3.60 -14.09
CA SER B 245 -7.66 2.75 -12.92
C SER B 245 -7.79 1.27 -13.26
N SER B 246 -8.17 0.94 -14.50
CA SER B 246 -8.36 -0.43 -14.93
C SER B 246 -7.31 -0.89 -15.93
N HIS B 247 -6.42 -0.04 -16.31
CA HIS B 247 -5.60 -0.34 -17.46
C HIS B 247 -4.50 -1.34 -17.10
N PRO B 248 -4.27 -2.36 -17.92
CA PRO B 248 -3.33 -3.42 -17.54
C PRO B 248 -1.86 -3.04 -17.60
N GLN B 249 -1.55 -1.84 -18.09
CA GLN B 249 -0.17 -1.43 -18.32
C GLN B 249 0.18 -0.16 -17.55
N ILE B 250 -0.65 0.19 -16.57
CA ILE B 250 -0.35 1.20 -15.57
C ILE B 250 0.00 0.49 -14.27
N ASN B 251 1.17 0.80 -13.72
CA ASN B 251 1.65 0.05 -12.57
C ASN B 251 1.36 0.73 -11.24
N LYS B 252 0.92 1.99 -11.25
CA LYS B 252 0.62 2.67 -9.99
C LYS B 252 -0.36 3.80 -10.26
N ILE B 253 -1.21 4.10 -9.26
CA ILE B 253 -2.07 5.27 -9.33
C ILE B 253 -1.98 6.11 -8.07
N ALA B 254 -2.06 7.42 -8.26
CA ALA B 254 -2.27 8.41 -7.21
C ALA B 254 -3.58 9.13 -7.47
N PHE B 255 -4.45 9.18 -6.45
CA PHE B 255 -5.75 9.81 -6.57
C PHE B 255 -5.96 10.81 -5.44
N THR B 256 -6.43 12.01 -5.77
CA THR B 256 -6.81 12.99 -4.76
C THR B 256 -8.22 13.47 -5.07
N GLY B 257 -9.15 13.22 -4.16
CA GLY B 257 -10.49 13.70 -4.32
C GLY B 257 -11.52 13.03 -3.43
N SER B 258 -12.61 12.55 -4.04
CA SER B 258 -13.76 12.05 -3.30
C SER B 258 -13.44 10.76 -2.57
N THR B 259 -13.88 10.68 -1.32
CA THR B 259 -13.77 9.41 -0.60
C THR B 259 -14.35 8.30 -1.45
N GLU B 260 -15.64 8.41 -1.79
CA GLU B 260 -16.34 7.30 -2.41
C GLU B 260 -15.77 6.98 -3.80
N VAL B 261 -15.28 7.98 -4.53
CA VAL B 261 -14.69 7.72 -5.85
C VAL B 261 -13.34 7.01 -5.70
N GLY B 262 -12.59 7.33 -4.64
CA GLY B 262 -11.38 6.56 -4.37
C GLY B 262 -11.67 5.09 -4.14
N LYS B 263 -12.72 4.80 -3.37
CA LYS B 263 -13.16 3.42 -3.14
C LYS B 263 -13.25 2.66 -4.46
N LEU B 264 -13.83 3.27 -5.49
CA LEU B 264 -13.91 2.56 -6.77
C LEU B 264 -12.55 2.38 -7.38
N VAL B 265 -11.72 3.43 -7.35
CA VAL B 265 -10.41 3.32 -8.00
C VAL B 265 -9.61 2.22 -7.36
N LYS B 266 -9.70 2.09 -6.04
CA LYS B 266 -9.03 0.98 -5.37
C LYS B 266 -9.59 -0.35 -5.87
N GLU B 267 -10.91 -0.41 -6.04
CA GLU B 267 -11.57 -1.62 -6.52
C GLU B 267 -11.09 -2.01 -7.91
N ALA B 268 -11.10 -1.06 -8.84
CA ALA B 268 -10.72 -1.34 -10.22
C ALA B 268 -9.26 -1.77 -10.32
N ALA B 269 -8.38 -1.04 -9.65
CA ALA B 269 -6.99 -1.45 -9.54
C ALA B 269 -6.89 -2.89 -9.05
N SER B 270 -7.74 -3.28 -8.11
CA SER B 270 -7.66 -4.64 -7.58
C SER B 270 -8.13 -5.65 -8.61
N ARG B 271 -9.21 -5.34 -9.34
CA ARG B 271 -9.77 -6.25 -10.33
C ARG B 271 -8.87 -6.44 -11.52
N SER B 272 -8.15 -5.40 -11.85
CA SER B 272 -7.28 -5.47 -13.05
C SER B 272 -5.94 -4.92 -12.66
N ASN B 273 -4.88 -5.69 -12.92
CA ASN B 273 -3.45 -5.25 -12.87
C ASN B 273 -2.86 -5.22 -11.48
N LEU B 274 -3.66 -5.34 -10.43
CA LEU B 274 -3.19 -5.27 -9.03
C LEU B 274 -2.20 -4.11 -8.89
N LYS B 275 -2.50 -2.93 -9.44
CA LYS B 275 -1.52 -1.86 -9.40
C LYS B 275 -1.52 -1.26 -7.99
N ARG B 276 -0.43 -0.57 -7.67
CA ARG B 276 -0.31 0.08 -6.38
C ARG B 276 -1.14 1.36 -6.39
N VAL B 277 -1.98 1.53 -5.36
CA VAL B 277 -2.84 2.70 -5.28
C VAL B 277 -2.53 3.47 -4.02
N THR B 278 -2.51 4.79 -4.13
CA THR B 278 -2.42 5.65 -2.97
C THR B 278 -3.48 6.74 -3.12
N LEU B 279 -4.22 6.99 -2.04
CA LEU B 279 -5.38 7.87 -2.09
C LEU B 279 -5.29 8.96 -1.04
N GLU B 280 -5.80 10.14 -1.39
CA GLU B 280 -5.97 11.22 -0.43
C GLU B 280 -7.36 11.79 -0.58
N LEU B 281 -8.16 11.66 0.47
CA LEU B 281 -9.60 11.87 0.43
C LEU B 281 -9.96 12.88 1.52
N GLY B 282 -11.24 12.97 1.86
CA GLY B 282 -11.75 14.00 2.73
C GLY B 282 -11.62 13.68 4.22
N GLY B 283 -12.48 14.33 4.99
CA GLY B 283 -12.51 13.99 6.41
C GLY B 283 -13.28 15.00 7.22
N LYS B 284 -13.75 14.57 8.39
CA LYS B 284 -14.35 15.44 9.42
C LYS B 284 -13.16 15.83 10.28
N ASN B 285 -12.29 16.68 9.75
CA ASN B 285 -11.02 17.06 10.38
C ASN B 285 -11.36 18.01 11.50
N PRO B 286 -11.12 17.69 12.94
CA PRO B 286 -11.36 18.40 14.20
C PRO B 286 -10.43 19.59 14.35
N CYS B 287 -10.83 20.44 15.30
CA CYS B 287 -10.10 21.66 15.62
C CYS B 287 -10.38 21.95 17.09
N ILE B 288 -9.37 21.74 17.95
CA ILE B 288 -9.56 21.65 19.40
C ILE B 288 -8.95 22.87 20.07
N VAL B 289 -9.76 23.59 20.88
CA VAL B 289 -9.31 24.80 21.60
C VAL B 289 -9.39 24.55 23.10
N CYS B 290 -8.26 24.69 23.77
CA CYS B 290 -8.18 24.49 25.24
C CYS B 290 -8.41 25.83 25.95
N ALA B 291 -8.69 25.79 27.24
CA ALA B 291 -9.03 27.02 28.01
C ALA B 291 -7.90 28.03 27.99
N ASP B 292 -6.65 27.57 28.03
CA ASP B 292 -5.44 28.42 28.11
C ASP B 292 -4.92 28.79 26.73
N ALA B 293 -5.69 28.54 25.69
CA ALA B 293 -5.20 28.86 24.34
C ALA B 293 -5.33 30.34 24.05
N ASP B 294 -4.38 30.87 23.30
CA ASP B 294 -4.51 32.19 22.70
C ASP B 294 -5.81 32.23 21.94
N LEU B 295 -6.68 33.16 22.28
CA LEU B 295 -8.00 33.09 21.65
C LEU B 295 -7.98 33.69 20.25
N ASP B 296 -7.36 34.86 20.09
CA ASP B 296 -7.35 35.48 18.76
C ASP B 296 -6.59 34.62 17.75
N LEU B 297 -5.55 33.93 18.20
CA LEU B 297 -4.89 32.99 17.30
C LEU B 297 -5.80 31.79 17.02
N ALA B 298 -6.46 31.27 18.04
CA ALA B 298 -7.34 30.13 17.83
C ALA B 298 -8.54 30.51 16.97
N VAL B 299 -9.24 31.60 17.32
CA VAL B 299 -10.43 31.97 16.56
C VAL B 299 -10.06 32.23 15.10
N GLU B 300 -8.98 32.99 14.86
CA GLU B 300 -8.63 33.38 13.50
C GLU B 300 -8.18 32.18 12.69
N CYS B 301 -7.38 31.30 13.28
CA CYS B 301 -6.92 30.17 12.50
C CYS B 301 -8.06 29.17 12.32
N ALA B 302 -8.96 29.06 13.30
CA ALA B 302 -10.18 28.28 13.07
C ALA B 302 -11.01 28.83 11.94
N HIS B 303 -10.85 30.12 11.65
CA HIS B 303 -11.55 30.77 10.56
C HIS B 303 -10.87 30.44 9.22
N GLN B 304 -9.53 30.58 9.17
CA GLN B 304 -8.77 30.22 7.97
C GLN B 304 -8.98 28.78 7.55
N GLY B 305 -9.47 27.92 8.44
CA GLY B 305 -9.60 26.51 8.17
C GLY B 305 -11.02 26.04 8.07
N VAL B 306 -11.92 27.00 7.86
CA VAL B 306 -13.32 26.69 7.60
C VAL B 306 -13.74 27.45 6.34
N PHE B 307 -13.16 28.65 6.13
CA PHE B 307 -13.65 29.56 5.09
C PHE B 307 -12.65 29.82 3.97
N PHE B 308 -11.45 29.24 4.05
CA PHE B 308 -10.44 29.47 3.03
C PHE B 308 -10.75 28.70 1.75
N ASN B 309 -10.43 29.32 0.61
CA ASN B 309 -10.73 28.78 -0.71
C ASN B 309 -12.20 28.37 -0.78
N GLN B 310 -13.04 29.22 -0.19
CA GLN B 310 -14.50 29.13 -0.21
C GLN B 310 -15.05 27.97 0.62
N GLY B 311 -14.24 27.34 1.48
CA GLY B 311 -14.66 26.25 2.34
C GLY B 311 -14.48 24.87 1.76
N GLN B 312 -14.18 24.77 0.46
CA GLN B 312 -13.90 23.51 -0.24
C GLN B 312 -12.40 23.28 -0.20
N CYS B 313 -11.97 22.41 0.69
CA CYS B 313 -10.54 22.17 0.87
C CYS B 313 -10.33 20.85 1.58
N CYS B 314 -9.29 20.10 1.18
CA CYS B 314 -8.99 18.85 1.85
C CYS B 314 -8.82 19.07 3.35
N THR B 315 -8.34 20.24 3.75
CA THR B 315 -8.04 20.57 5.14
C THR B 315 -9.13 21.31 5.92
N ALA B 316 -10.36 21.38 5.41
CA ALA B 316 -11.42 22.16 6.05
C ALA B 316 -11.81 21.54 7.40
N ALA B 317 -12.33 22.40 8.29
CA ALA B 317 -12.67 22.00 9.67
C ALA B 317 -14.17 21.70 9.76
N SER B 318 -14.52 20.42 9.69
CA SER B 318 -15.87 19.96 9.96
C SER B 318 -16.28 20.21 11.42
N ARG B 319 -15.36 20.13 12.38
CA ARG B 319 -15.71 20.22 13.79
C ARG B 319 -14.72 21.11 14.54
N VAL B 320 -15.20 21.83 15.56
CA VAL B 320 -14.40 22.78 16.32
C VAL B 320 -14.70 22.63 17.80
N PHE B 321 -13.99 21.76 18.50
CA PHE B 321 -14.26 21.59 19.93
C PHE B 321 -13.59 22.70 20.75
N VAL B 322 -14.33 23.26 21.72
CA VAL B 322 -13.86 24.35 22.56
C VAL B 322 -14.20 24.02 24.01
N GLU B 323 -13.21 24.16 24.90
CA GLU B 323 -13.42 23.91 26.32
C GLU B 323 -14.39 24.95 26.89
N GLU B 324 -15.21 24.47 27.84
CA GLU B 324 -16.31 25.24 28.47
C GLU B 324 -15.81 26.56 29.02
N GLN B 325 -14.56 26.61 29.47
CA GLN B 325 -13.96 27.84 30.06
C GLN B 325 -13.84 28.98 29.05
N VAL B 326 -13.83 28.72 27.75
CA VAL B 326 -13.73 29.83 26.77
C VAL B 326 -14.82 29.68 25.71
N TYR B 327 -15.88 28.89 25.95
CA TYR B 327 -16.92 28.69 24.91
C TYR B 327 -17.54 29.98 24.38
N SER B 328 -18.28 30.70 25.21
CA SER B 328 -19.04 31.83 24.70
C SER B 328 -18.14 32.89 24.09
N GLU B 329 -17.04 33.24 24.77
CA GLU B 329 -16.20 34.24 24.15
C GLU B 329 -15.56 33.69 22.89
N PHE B 330 -15.35 32.37 22.83
CA PHE B 330 -14.98 31.82 21.53
C PHE B 330 -16.11 32.03 20.53
N VAL B 331 -17.32 31.54 20.85
CA VAL B 331 -18.42 31.66 19.91
C VAL B 331 -18.68 33.12 19.57
N ARG B 332 -18.53 34.02 20.55
CA ARG B 332 -18.77 35.42 20.26
C ARG B 332 -17.71 35.98 19.32
N ARG B 333 -16.43 35.82 19.67
CA ARG B 333 -15.39 36.39 18.84
C ARG B 333 -15.40 35.81 17.44
N SER B 334 -16.00 34.63 17.29
CA SER B 334 -16.04 33.97 15.99
C SER B 334 -17.00 34.68 15.05
N VAL B 335 -18.19 35.02 15.55
CA VAL B 335 -19.19 35.63 14.67
C VAL B 335 -18.77 37.02 14.23
N GLU B 336 -17.99 37.72 15.05
CA GLU B 336 -17.41 38.99 14.63
C GLU B 336 -16.62 38.84 13.34
N TYR B 337 -15.92 37.72 13.18
CA TYR B 337 -14.98 37.55 12.07
C TYR B 337 -15.70 37.31 10.74
N ALA B 338 -16.74 36.46 10.77
CA ALA B 338 -17.38 36.01 9.56
C ALA B 338 -17.88 37.18 8.71
N LYS B 339 -18.44 38.19 9.38
CA LYS B 339 -19.15 39.25 8.69
C LYS B 339 -18.21 40.26 8.03
N LYS B 340 -16.95 40.34 8.47
CA LYS B 340 -16.02 41.34 7.97
C LYS B 340 -15.17 40.85 6.80
N ARG B 341 -15.34 39.59 6.34
CA ARG B 341 -14.39 39.15 5.32
C ARG B 341 -14.96 39.40 3.93
N PRO B 342 -14.19 40.03 3.03
CA PRO B 342 -14.75 40.54 1.78
C PRO B 342 -14.99 39.45 0.73
N VAL B 343 -16.14 39.56 0.07
CA VAL B 343 -16.50 38.67 -1.03
C VAL B 343 -16.69 39.52 -2.29
N GLY B 344 -16.79 38.83 -3.42
CA GLY B 344 -16.90 39.50 -4.69
C GLY B 344 -16.02 38.89 -5.77
N ASP B 345 -15.49 39.73 -6.66
CA ASP B 345 -14.73 39.28 -7.83
C ASP B 345 -13.52 38.48 -7.38
N PRO B 346 -13.07 37.49 -8.19
CA PRO B 346 -11.82 36.78 -7.87
C PRO B 346 -10.55 37.55 -8.26
N PHE B 347 -10.57 38.21 -9.43
CA PHE B 347 -9.47 39.11 -9.81
C PHE B 347 -9.36 40.32 -8.87
N ASP B 348 -10.26 40.39 -7.88
CA ASP B 348 -10.22 41.41 -6.82
C ASP B 348 -8.92 41.31 -6.03
N VAL B 349 -8.24 42.43 -5.89
CA VAL B 349 -7.07 42.50 -5.04
C VAL B 349 -7.51 43.06 -3.68
N LYS B 350 -8.79 42.89 -3.35
CA LYS B 350 -9.31 43.22 -2.03
C LYS B 350 -10.23 42.13 -1.48
N THR B 351 -10.25 40.94 -2.10
CA THR B 351 -11.15 39.87 -1.70
C THR B 351 -10.38 38.75 -0.99
N GLU B 352 -11.16 37.88 -0.34
CA GLU B 352 -10.65 36.65 0.24
C GLU B 352 -11.33 35.39 -0.28
N GLN B 353 -12.53 35.53 -0.87
CA GLN B 353 -13.40 34.37 -1.06
C GLN B 353 -14.26 34.59 -2.30
N GLY B 354 -14.00 33.82 -3.36
CA GLY B 354 -14.79 33.86 -4.57
C GLY B 354 -16.01 32.95 -4.51
N PRO B 355 -16.33 32.31 -5.62
CA PRO B 355 -17.52 31.45 -5.66
C PRO B 355 -17.23 29.97 -5.54
N GLN B 356 -18.30 29.20 -5.50
CA GLN B 356 -18.17 27.73 -5.52
C GLN B 356 -18.10 27.31 -6.99
N ILE B 357 -17.76 26.06 -7.26
CA ILE B 357 -17.55 25.57 -8.63
C ILE B 357 -18.82 24.91 -9.18
N ASP B 358 -19.25 23.81 -8.58
CA ASP B 358 -20.36 23.00 -9.09
C ASP B 358 -21.51 23.06 -8.10
N GLN B 359 -22.60 23.72 -8.49
CA GLN B 359 -23.75 23.91 -7.62
C GLN B 359 -24.35 22.60 -7.14
N LYS B 360 -23.92 21.45 -7.67
CA LYS B 360 -24.40 20.15 -7.20
C LYS B 360 -24.36 20.05 -5.68
N GLN B 361 -23.35 20.68 -5.06
CA GLN B 361 -23.12 20.68 -3.61
C GLN B 361 -23.70 21.90 -2.93
N PHE B 362 -23.74 23.05 -3.64
CA PHE B 362 -24.38 24.30 -3.23
C PHE B 362 -25.75 24.04 -2.62
N ASP B 363 -26.43 23.04 -3.17
CA ASP B 363 -27.75 22.65 -2.70
C ASP B 363 -27.68 21.99 -1.32
N LYS B 364 -26.84 20.96 -1.20
CA LYS B 364 -26.78 20.14 0.01
C LYS B 364 -26.20 20.89 1.20
N ILE B 365 -25.39 21.92 0.97
CA ILE B 365 -24.85 22.73 2.06
C ILE B 365 -25.95 23.55 2.70
N LEU B 366 -26.53 24.51 1.96
CA LEU B 366 -27.57 25.31 2.60
C LEU B 366 -28.83 24.51 2.86
N GLU B 367 -28.84 23.23 2.50
CA GLU B 367 -29.74 22.29 3.14
C GLU B 367 -29.23 21.89 4.51
N LEU B 368 -27.94 21.52 4.60
CA LEU B 368 -27.37 21.14 5.88
C LEU B 368 -27.50 22.25 6.91
N ILE B 369 -27.40 23.50 6.46
CA ILE B 369 -27.65 24.66 7.33
C ILE B 369 -28.96 24.49 8.09
N GLU B 370 -29.93 23.80 7.50
CA GLU B 370 -31.17 23.53 8.21
C GLU B 370 -31.09 22.27 9.05
N SER B 371 -30.09 21.41 8.81
CA SER B 371 -29.96 20.20 9.63
C SER B 371 -29.78 20.54 11.10
N GLY B 372 -28.97 21.56 11.38
CA GLY B 372 -28.67 21.96 12.75
C GLY B 372 -29.78 22.75 13.39
N LYS B 373 -30.43 23.61 12.61
CA LYS B 373 -31.70 24.21 13.04
C LYS B 373 -32.65 23.11 13.52
N LYS B 374 -32.78 22.03 12.74
CA LYS B 374 -33.79 21.03 12.99
C LYS B 374 -33.47 20.18 14.22
N GLU B 375 -32.20 20.13 14.60
CA GLU B 375 -31.80 19.28 15.74
C GLU B 375 -31.49 20.16 16.96
N GLY B 376 -31.81 21.45 16.87
CA GLY B 376 -31.65 22.33 18.05
C GLY B 376 -30.28 22.93 18.19
N ALA B 377 -29.84 23.70 17.19
CA ALA B 377 -28.51 24.33 17.28
C ALA B 377 -28.64 25.84 17.01
N LYS B 378 -28.22 26.68 17.95
CA LYS B 378 -28.29 28.11 17.68
C LYS B 378 -27.43 28.46 16.47
N LEU B 379 -27.96 29.32 15.62
CA LEU B 379 -27.24 29.80 14.44
C LEU B 379 -26.83 31.24 14.72
N GLU B 380 -25.55 31.44 15.01
CA GLU B 380 -25.12 32.71 15.58
C GLU B 380 -24.88 33.80 14.54
N CYS B 381 -24.77 33.46 13.25
CA CYS B 381 -24.69 34.45 12.18
C CYS B 381 -24.76 33.74 10.83
N GLY B 382 -25.43 34.37 9.85
CA GLY B 382 -25.47 33.85 8.48
C GLY B 382 -26.56 32.81 8.23
N GLY B 383 -26.40 32.08 7.12
CA GLY B 383 -27.29 30.96 6.82
C GLY B 383 -28.00 30.95 5.48
N SER B 384 -27.47 31.69 4.51
CA SER B 384 -28.05 31.77 3.17
C SER B 384 -27.09 32.58 2.30
N ALA B 385 -27.48 32.76 1.04
CA ALA B 385 -26.59 33.15 -0.03
C ALA B 385 -26.67 34.66 -0.28
N MET B 386 -26.21 35.08 -1.47
CA MET B 386 -26.20 36.49 -1.86
C MET B 386 -26.09 36.65 -3.39
N PHE B 392 -22.13 31.81 -4.32
CA PHE B 392 -21.73 32.29 -3.00
C PHE B 392 -22.73 31.90 -1.87
N ILE B 393 -22.23 31.84 -0.62
CA ILE B 393 -23.06 31.82 0.59
C ILE B 393 -22.40 32.75 1.61
N LYS B 394 -23.24 33.40 2.45
CA LYS B 394 -22.74 34.23 3.55
C LYS B 394 -22.21 33.33 4.68
N PRO B 395 -21.02 33.62 5.22
CA PRO B 395 -20.41 32.72 6.20
C PRO B 395 -21.31 32.47 7.41
N THR B 396 -21.39 31.20 7.80
CA THR B 396 -22.32 30.70 8.81
C THR B 396 -21.57 30.21 10.05
N VAL B 397 -22.25 30.20 11.20
CA VAL B 397 -21.68 29.81 12.49
C VAL B 397 -22.76 29.11 13.33
N PHE B 398 -22.41 27.97 13.93
CA PHE B 398 -23.34 27.19 14.75
C PHE B 398 -22.76 26.97 16.14
N SER B 399 -23.44 27.47 17.17
CA SER B 399 -23.17 27.09 18.54
C SER B 399 -24.13 25.97 18.94
N GLU B 400 -24.12 25.63 20.24
CA GLU B 400 -24.98 24.56 20.80
C GLU B 400 -24.93 23.25 20.02
N VAL B 401 -23.94 23.05 19.14
CA VAL B 401 -23.86 21.82 18.36
C VAL B 401 -23.43 20.67 19.24
N THR B 402 -23.98 19.48 18.98
CA THR B 402 -23.61 18.23 19.64
C THR B 402 -22.95 17.31 18.63
N ASP B 403 -22.61 16.11 19.09
CA ASP B 403 -21.92 15.16 18.22
C ASP B 403 -22.87 14.63 17.14
N ASN B 404 -24.05 14.17 17.54
CA ASN B 404 -24.95 13.38 16.71
C ASN B 404 -25.68 14.18 15.63
N MET B 405 -25.66 15.51 15.70
CA MET B 405 -26.26 16.33 14.67
C MET B 405 -25.57 16.11 13.32
N ARG B 406 -26.36 16.19 12.25
CA ARG B 406 -25.81 15.98 10.91
C ARG B 406 -24.65 16.92 10.67
N ILE B 407 -24.76 18.16 11.13
CA ILE B 407 -23.79 19.20 10.81
C ILE B 407 -22.46 18.98 11.54
N ALA B 408 -22.36 17.92 12.33
CA ALA B 408 -21.08 17.49 12.90
C ALA B 408 -20.75 16.05 12.56
N LYS B 409 -21.67 15.32 11.92
CA LYS B 409 -21.48 13.95 11.47
C LYS B 409 -20.90 13.85 10.06
N GLU B 410 -20.96 14.93 9.30
CA GLU B 410 -20.78 14.88 7.86
C GLU B 410 -19.82 15.96 7.38
N GLU B 411 -19.08 15.66 6.31
CA GLU B 411 -18.14 16.67 5.79
C GLU B 411 -18.97 17.74 5.10
N ILE B 412 -18.49 18.96 5.13
CA ILE B 412 -19.25 20.06 4.48
C ILE B 412 -18.30 20.76 3.51
N PHE B 413 -18.62 20.76 2.21
CA PHE B 413 -17.79 21.52 1.25
C PHE B 413 -18.39 22.92 1.09
N GLY B 414 -18.49 23.68 2.19
CA GLY B 414 -19.03 25.04 2.26
C GLY B 414 -18.76 25.64 3.62
N PRO B 415 -18.95 26.95 3.86
CA PRO B 415 -18.62 27.53 5.15
C PRO B 415 -19.73 27.21 6.15
N VAL B 416 -19.41 26.34 7.10
CA VAL B 416 -20.31 25.91 8.22
C VAL B 416 -19.37 25.59 9.39
N GLN B 417 -19.33 26.48 10.37
CA GLN B 417 -18.46 26.35 11.54
C GLN B 417 -19.25 25.76 12.70
N PRO B 418 -19.30 24.43 12.84
CA PRO B 418 -20.04 23.78 13.94
C PRO B 418 -19.24 23.64 15.24
N ILE B 419 -19.57 24.49 16.22
CA ILE B 419 -18.77 24.65 17.43
C ILE B 419 -19.34 23.81 18.57
N LEU B 420 -18.56 22.86 19.07
CA LEU B 420 -18.94 21.98 20.17
C LEU B 420 -18.21 22.40 21.46
N LYS B 421 -18.29 21.54 22.48
CA LYS B 421 -17.92 21.91 23.85
C LYS B 421 -17.46 20.67 24.59
N PHE B 422 -16.58 20.87 25.56
CA PHE B 422 -16.02 19.70 26.21
C PHE B 422 -15.35 20.10 27.50
N LYS B 423 -15.39 19.18 28.47
CA LYS B 423 -14.73 19.36 29.76
C LYS B 423 -13.29 18.87 29.69
N SER B 424 -13.09 17.59 29.37
CA SER B 424 -11.80 16.95 29.54
C SER B 424 -10.97 16.95 28.27
N ILE B 425 -9.66 16.84 28.47
CA ILE B 425 -8.77 16.48 27.38
C ILE B 425 -9.05 15.04 26.95
N GLU B 426 -9.19 14.13 27.90
CA GLU B 426 -9.49 12.76 27.50
C GLU B 426 -10.86 12.68 26.84
N GLU B 427 -11.78 13.58 27.19
CA GLU B 427 -13.08 13.63 26.51
C GLU B 427 -12.92 13.92 25.03
N VAL B 428 -12.36 15.10 24.69
CA VAL B 428 -12.28 15.49 23.28
C VAL B 428 -11.36 14.56 22.50
N ILE B 429 -10.45 13.86 23.16
CA ILE B 429 -9.68 12.82 22.49
C ILE B 429 -10.62 11.80 21.87
N LYS B 430 -11.55 11.26 22.67
CA LYS B 430 -12.47 10.24 22.16
C LYS B 430 -13.44 10.84 21.15
N ARG B 431 -13.95 12.01 21.44
CA ARG B 431 -14.92 12.62 20.55
C ARG B 431 -14.32 12.85 19.18
N ALA B 432 -13.16 13.51 19.13
CA ALA B 432 -12.59 13.88 17.83
C ALA B 432 -12.12 12.66 17.06
N ASN B 433 -11.70 11.61 17.76
CA ASN B 433 -11.24 10.39 17.10
C ASN B 433 -12.37 9.47 16.65
N SER B 434 -13.63 9.80 16.98
CA SER B 434 -14.71 8.85 16.78
C SER B 434 -15.01 8.60 15.29
N THR B 435 -14.80 9.58 14.40
CA THR B 435 -15.16 9.32 12.99
C THR B 435 -14.20 8.35 12.27
N ASP B 436 -14.61 7.90 11.09
CA ASP B 436 -13.79 6.94 10.29
C ASP B 436 -12.77 7.72 9.47
N TYR B 437 -12.83 9.05 9.51
CA TYR B 437 -11.88 9.89 8.76
C TYR B 437 -10.70 10.30 9.64
N GLY B 438 -9.80 11.10 9.11
CA GLY B 438 -8.67 11.54 9.94
C GLY B 438 -7.55 12.04 9.08
N LEU B 439 -7.63 13.26 8.58
CA LEU B 439 -6.55 13.75 7.70
C LEU B 439 -5.89 14.96 8.32
N THR B 440 -6.55 15.62 9.27
CA THR B 440 -6.05 16.85 9.85
C THR B 440 -6.69 17.09 11.21
N ALA B 441 -5.87 17.58 12.12
CA ALA B 441 -6.31 18.08 13.40
C ALA B 441 -5.42 19.27 13.74
N ALA B 442 -6.01 20.34 14.26
CA ALA B 442 -5.25 21.48 14.77
C ALA B 442 -5.59 21.67 16.23
N VAL B 443 -4.56 21.74 17.07
CA VAL B 443 -4.75 21.96 18.51
C VAL B 443 -4.23 23.36 18.83
N PHE B 444 -4.85 23.97 19.83
CA PHE B 444 -4.48 25.30 20.29
C PHE B 444 -4.36 25.28 21.81
N THR B 445 -3.16 25.52 22.31
CA THR B 445 -2.90 25.56 23.74
C THR B 445 -1.52 26.14 23.94
N LYS B 446 -1.34 26.80 25.07
CA LYS B 446 -0.03 27.27 25.45
C LYS B 446 0.71 26.22 26.27
N ASN B 447 0.01 25.17 26.69
CA ASN B 447 0.54 24.24 27.66
C ASN B 447 1.36 23.15 26.97
N LEU B 448 2.57 22.90 27.48
CA LEU B 448 3.42 21.86 26.89
C LEU B 448 2.77 20.49 27.01
N ASP B 449 2.33 20.11 28.21
CA ASP B 449 1.72 18.79 28.37
C ASP B 449 0.45 18.63 27.54
N LYS B 450 -0.32 19.71 27.35
CA LYS B 450 -1.59 19.58 26.64
C LYS B 450 -1.35 19.50 25.14
N ALA B 451 -0.35 20.24 24.65
CA ALA B 451 0.07 20.09 23.27
C ALA B 451 0.40 18.63 22.96
N LEU B 452 1.43 18.10 23.61
CA LEU B 452 1.96 16.79 23.26
C LEU B 452 0.95 15.68 23.56
N LYS B 453 0.29 15.73 24.72
CA LYS B 453 -0.66 14.65 25.01
C LYS B 453 -1.67 14.54 23.89
N LEU B 454 -2.10 15.68 23.35
CA LEU B 454 -3.13 15.68 22.32
C LEU B 454 -2.59 15.13 21.01
N ALA B 455 -1.47 15.67 20.54
CA ALA B 455 -0.90 15.22 19.28
C ALA B 455 -0.69 13.71 19.26
N SER B 456 -0.05 13.17 20.29
CA SER B 456 0.13 11.72 20.33
C SER B 456 -1.19 10.98 20.24
N ALA B 457 -2.26 11.56 20.81
CA ALA B 457 -3.51 10.81 20.87
C ALA B 457 -4.30 10.90 19.56
N LEU B 458 -4.30 12.05 18.89
CA LEU B 458 -5.24 12.25 17.80
C LEU B 458 -4.89 11.33 16.64
N GLU B 459 -5.90 10.67 16.09
CA GLU B 459 -5.73 9.79 14.93
C GLU B 459 -5.92 10.61 13.65
N SER B 460 -4.93 11.45 13.35
CA SER B 460 -4.97 12.35 12.21
C SER B 460 -3.61 12.37 11.51
N GLY B 461 -3.63 12.47 10.20
CA GLY B 461 -2.37 12.38 9.46
C GLY B 461 -1.42 13.50 9.83
N THR B 462 -1.94 14.71 9.94
CA THR B 462 -1.21 15.85 10.44
C THR B 462 -1.95 16.41 11.66
N VAL B 463 -1.19 16.76 12.69
CA VAL B 463 -1.70 17.51 13.83
C VAL B 463 -0.97 18.82 13.79
N TRP B 464 -1.71 19.91 13.53
CA TRP B 464 -1.15 21.25 13.61
C TRP B 464 -1.31 21.73 15.03
N ILE B 465 -0.44 22.65 15.43
CA ILE B 465 -0.48 23.22 16.78
C ILE B 465 -0.28 24.73 16.64
N ASN B 466 -1.15 25.49 17.31
CA ASN B 466 -1.20 26.94 17.20
C ASN B 466 -0.91 27.41 15.76
N CYS B 467 -1.47 26.73 14.77
CA CYS B 467 -1.42 27.17 13.38
C CYS B 467 -2.37 26.29 12.59
N TYR B 468 -2.73 26.75 11.38
CA TYR B 468 -3.53 25.95 10.43
C TYR B 468 -2.92 26.04 9.04
N ASN B 469 -3.30 25.06 8.19
CA ASN B 469 -2.85 24.94 6.80
C ASN B 469 -1.37 25.21 6.66
N ALA B 470 -0.60 24.71 7.63
CA ALA B 470 0.84 24.84 7.64
C ALA B 470 1.45 23.60 6.95
N LEU B 471 1.31 23.58 5.63
CA LEU B 471 1.86 22.53 4.79
C LEU B 471 3.27 22.92 4.35
N TYR B 472 4.17 21.95 4.39
CA TYR B 472 5.52 22.16 3.89
C TYR B 472 5.82 21.06 2.90
N ALA B 473 6.62 21.40 1.90
CA ALA B 473 6.98 20.40 0.93
C ALA B 473 7.75 19.24 1.56
N GLN B 474 8.30 19.40 2.77
CA GLN B 474 9.13 18.35 3.36
C GLN B 474 8.47 17.65 4.53
N ALA B 475 7.20 17.90 4.80
CA ALA B 475 6.56 17.12 5.82
C ALA B 475 5.39 16.36 5.21
N PRO B 476 5.32 15.04 5.41
CA PRO B 476 4.34 14.22 4.69
C PRO B 476 2.91 14.59 5.02
N PHE B 477 2.09 14.64 3.97
CA PHE B 477 0.67 14.85 4.09
C PHE B 477 -0.02 13.52 3.77
N GLY B 478 -1.21 13.32 4.31
CA GLY B 478 -1.98 12.14 3.93
C GLY B 478 -2.84 11.67 5.08
N GLY B 479 -3.61 10.61 4.80
CA GLY B 479 -4.76 10.27 5.62
C GLY B 479 -4.53 9.09 6.54
N PHE B 480 -5.11 9.19 7.75
CA PHE B 480 -5.40 8.06 8.64
C PHE B 480 -6.77 7.50 8.32
N LYS B 481 -6.96 6.23 8.61
CA LYS B 481 -8.27 5.58 8.45
C LYS B 481 -8.83 5.82 7.05
N MET B 482 -10.02 6.41 6.94
CA MET B 482 -10.69 6.53 5.63
C MET B 482 -10.35 7.83 4.93
N SER B 483 -9.32 8.54 5.36
CA SER B 483 -8.98 9.76 4.61
C SER B 483 -7.92 9.43 3.58
N GLY B 484 -7.64 8.15 3.36
CA GLY B 484 -6.68 7.73 2.36
C GLY B 484 -5.66 6.74 2.90
N ASN B 485 -4.78 6.33 2.00
CA ASN B 485 -3.61 5.59 2.44
C ASN B 485 -2.44 5.97 1.57
N GLY B 486 -1.27 6.01 2.18
CA GLY B 486 -0.07 6.58 1.59
C GLY B 486 0.17 8.00 2.05
N ARG B 487 1.35 8.51 1.75
CA ARG B 487 1.66 9.90 2.11
C ARG B 487 2.16 10.62 0.88
N GLU B 488 2.17 11.94 0.95
CA GLU B 488 2.70 12.83 -0.10
C GLU B 488 3.48 13.95 0.57
N LEU B 489 4.32 14.63 -0.20
CA LEU B 489 5.14 15.83 0.15
C LEU B 489 6.37 15.50 0.98
N GLY B 490 6.65 14.25 1.32
CA GLY B 490 7.79 14.10 2.23
C GLY B 490 8.82 13.14 1.73
N GLU B 491 9.88 12.92 2.50
CA GLU B 491 10.82 11.87 2.06
C GLU B 491 9.98 10.62 1.99
N TYR B 492 8.92 10.57 2.80
CA TYR B 492 7.98 9.46 2.76
C TYR B 492 7.23 9.34 1.44
N ALA B 493 7.10 10.43 0.70
CA ALA B 493 6.42 10.35 -0.59
C ALA B 493 7.15 9.41 -1.52
N LEU B 494 8.49 9.44 -1.48
CA LEU B 494 9.31 8.62 -2.35
C LEU B 494 8.95 7.14 -2.26
N ALA B 495 8.46 6.69 -1.10
CA ALA B 495 8.10 5.28 -0.97
C ALA B 495 7.07 4.87 -1.99
N GLU B 496 6.05 5.70 -2.19
CA GLU B 496 4.95 5.33 -3.06
C GLU B 496 5.33 5.33 -4.52
N TYR B 497 6.56 5.70 -4.87
CA TYR B 497 6.98 5.70 -6.26
C TYR B 497 8.24 4.85 -6.49
N THR B 498 8.39 3.77 -5.72
CA THR B 498 9.52 2.88 -5.88
C THR B 498 9.05 1.46 -5.61
N GLU B 499 9.63 0.50 -6.32
CA GLU B 499 9.49 -0.90 -5.99
C GLU B 499 10.81 -1.36 -5.42
N VAL B 500 10.77 -2.06 -4.30
CA VAL B 500 11.98 -2.45 -3.61
C VAL B 500 12.43 -3.82 -4.13
N LYS B 501 13.62 -3.87 -4.71
CA LYS B 501 14.22 -5.12 -5.15
C LYS B 501 15.34 -5.53 -4.21
N THR B 502 15.37 -6.80 -3.84
CA THR B 502 16.47 -7.41 -3.09
C THR B 502 17.33 -8.27 -4.00
N VAL B 503 18.62 -8.00 -4.00
CA VAL B 503 19.65 -8.85 -4.56
C VAL B 503 20.28 -9.62 -3.40
N THR B 504 20.51 -10.92 -3.58
CA THR B 504 21.15 -11.74 -2.56
C THR B 504 22.18 -12.61 -3.26
N ILE B 505 23.45 -12.26 -3.10
CA ILE B 505 24.57 -12.86 -3.82
C ILE B 505 25.36 -13.73 -2.85
N LYS B 506 25.72 -14.93 -3.27
CA LYS B 506 26.47 -15.87 -2.45
C LYS B 506 27.82 -16.15 -3.07
N LEU B 507 28.87 -16.05 -2.28
CA LEU B 507 30.20 -16.29 -2.77
C LEU B 507 30.61 -17.72 -2.42
N GLY B 508 31.62 -18.22 -3.12
CA GLY B 508 32.18 -19.52 -2.81
C GLY B 508 33.39 -19.44 -1.89
#